data_7TUG
#
_entry.id   7TUG
#
_cell.length_a   101.090
_cell.length_b   168.820
_cell.length_c   108.660
_cell.angle_alpha   90.000
_cell.angle_beta   90.000
_cell.angle_gamma   90.000
#
_symmetry.space_group_name_H-M   'C 2 2 21'
#
loop_
_entity.id
_entity.type
_entity.pdbx_description
1 polymer Tapasin
2 polymer 'PaSta2 Fab heavy chain'
3 polymer 'PaSta2 Fab kappa light chain'
4 non-polymer 2-acetamido-2-deoxy-beta-D-glucopyranose
#
loop_
_entity_poly.entity_id
_entity_poly.type
_entity_poly.pdbx_seq_one_letter_code
_entity_poly.pdbx_strand_id
1 'polypeptide(L)'
;GPAVIECWFVEDASGKGLAKRPGALLLRQGPGEPPPRPDLDPELYLSVHDPAGALQAAFRRYPRGAPAPHCEMSRFVPLP
ASAKWASGLTPAQNCPRALDGAWLMVSISSPVLSLSSLLRPQPEPQQEPVLITMATVVLTVLTHTPAPRVRLGQDALLDL
SFAYMPPTSEAASSLAPGPPPFGLEWRRQHLGKGHLLLAATPGLNGQMPAAQEGAVAFAAWDDDEPWGPWTGNGTFWLPR
VQPFQEGTYLATIHLPYLQGQVTLELAVYKPPKVSLMPATLARAAPGEAPPELLCLVSHFYPSGGLEVEWELRGGPGGRS
QKAEGQRWLSALRHHSDGSVSLSGHLQPPPVTTEQHGARYACRIHHPSLPASGRSAEVTLEGGLEVLFQGPGGGLNDIFE
AQKIEWHEGGHHHHHH
;
D
2 'polypeptide(L)'
;QVQLQQSGAELVRPGTSVKMSCKAAGYTFTNYWIGWIKQRPGHGLEWIGDIYPGGGYTNYNEKFKVKATLTADTSSVTAY
MQLSSLTSEDSAIYYCTREGNYGFAYWGQGTLVTVSAAKTTPPSVYPLAPGSAAQTNSMVTLGCLVKGYFPEPVTVTWNS
GSLSSGVHTFPAVLQSDLYTLSSSVTVPSSTWPSETVTCNVAHPASSTKVDKKIVPRDCGCKGSHHHHHH
;
H
3 'polypeptide(L)'
;DIVMTQSPSSLAMSVGQKVTLSCKSSQSLLNSINQKNYLAWYQQKPGQSPKMLVYFASTRESGVPDRFIGSGSGTDFTLT
ISSVQAEDLADYFCQQHYSTPLTFGAGTKLELKRADAAPTVSIFPPSSEQLTSGGASVVCFLNNFYPKDINVKWKIDGSE
RQNGVLNSWTDQDSKDSTYSMSSTLTLTKDEYERHNSYTCEATHKTSTSPIVKSFNRNEC
;
L
#
loop_
_chem_comp.id
_chem_comp.type
_chem_comp.name
_chem_comp.formula
NAG D-saccharide, beta linking 2-acetamido-2-deoxy-beta-D-glucopyranose 'C8 H15 N O6'
#
# COMPACT_ATOMS: atom_id res chain seq x y z
N GLY A 1 12.55 21.47 -32.07
CA GLY A 1 11.29 22.01 -32.55
C GLY A 1 10.57 21.10 -33.52
N PRO A 2 9.75 20.19 -33.01
CA PRO A 2 9.04 19.25 -33.88
C PRO A 2 7.99 19.96 -34.71
N ALA A 3 7.74 19.41 -35.90
CA ALA A 3 6.73 19.96 -36.79
C ALA A 3 5.38 19.26 -36.66
N VAL A 4 5.39 17.98 -36.30
CA VAL A 4 4.17 17.21 -36.08
C VAL A 4 4.20 16.65 -34.67
N ILE A 5 3.01 16.47 -34.10
CA ILE A 5 2.87 15.98 -32.73
C ILE A 5 1.88 14.81 -32.74
N GLU A 6 2.32 13.66 -32.24
CA GLU A 6 1.42 12.52 -32.08
C GLU A 6 0.55 12.72 -30.84
N CYS A 7 -0.67 12.20 -30.91
CA CYS A 7 -1.63 12.39 -29.83
C CYS A 7 -2.62 11.23 -29.80
N TRP A 8 -3.31 11.11 -28.68
CA TRP A 8 -4.31 10.08 -28.47
C TRP A 8 -5.66 10.74 -28.21
N PHE A 9 -6.66 10.36 -29.00
CA PHE A 9 -8.03 10.82 -28.81
C PHE A 9 -8.77 9.84 -27.92
N VAL A 10 -9.30 10.34 -26.81
CA VAL A 10 -10.02 9.51 -25.84
C VAL A 10 -11.49 9.88 -25.87
N GLU A 11 -12.32 8.99 -25.32
CA GLU A 11 -13.76 9.20 -25.27
C GLU A 11 -14.33 8.70 -23.95
N LYS A 20 -9.08 4.76 -27.15
CA LYS A 20 -8.10 5.74 -27.61
C LYS A 20 -7.72 5.48 -29.06
N ARG A 21 -7.69 6.54 -29.86
CA ARG A 21 -7.32 6.43 -31.27
C ARG A 21 -6.13 7.33 -31.58
N PRO A 22 -5.29 6.94 -32.54
CA PRO A 22 -4.13 7.76 -32.87
C PRO A 22 -4.51 8.98 -33.70
N GLY A 23 -3.81 10.09 -33.46
CA GLY A 23 -4.04 11.30 -34.20
C GLY A 23 -2.79 12.14 -34.26
N ALA A 24 -2.83 13.18 -35.10
CA ALA A 24 -1.67 14.04 -35.31
C ALA A 24 -2.10 15.50 -35.28
N LEU A 25 -1.17 16.34 -34.84
CA LEU A 25 -1.31 17.79 -34.86
C LEU A 25 -0.19 18.37 -35.72
N LEU A 26 -0.56 19.13 -36.73
CA LEU A 26 0.38 19.70 -37.69
C LEU A 26 0.45 21.21 -37.50
N LEU A 27 1.64 21.70 -37.16
CA LEU A 27 1.84 23.14 -36.95
C LEU A 27 1.91 23.88 -38.28
N GLU A 33 3.59 20.53 -48.68
CA GLU A 33 2.74 21.13 -47.66
C GLU A 33 1.70 20.16 -47.07
N PRO A 34 1.02 19.35 -47.89
CA PRO A 34 0.13 18.33 -47.34
C PRO A 34 0.89 17.04 -47.07
N PRO A 35 1.03 16.64 -45.81
CA PRO A 35 1.71 15.38 -45.51
C PRO A 35 0.87 14.19 -45.95
N PRO A 36 1.49 13.16 -46.50
CA PRO A 36 0.73 11.98 -46.95
C PRO A 36 0.12 11.22 -45.77
N ARG A 37 -1.18 11.39 -45.55
CA ARG A 37 -1.89 10.75 -44.44
C ARG A 37 -1.80 9.23 -44.56
N PRO A 38 -1.06 8.58 -43.66
CA PRO A 38 -0.86 7.13 -43.79
C PRO A 38 -1.79 6.32 -42.89
N ASP A 39 -1.27 5.85 -41.76
CA ASP A 39 -2.03 5.01 -40.84
C ASP A 39 -2.72 5.88 -39.77
N LEU A 40 -3.52 6.83 -40.25
CA LEU A 40 -4.28 7.70 -39.38
C LEU A 40 -5.66 7.95 -39.97
N ASP A 41 -6.67 7.92 -39.12
CA ASP A 41 -8.02 8.25 -39.55
C ASP A 41 -8.08 9.72 -39.95
N PRO A 42 -8.85 10.07 -40.98
CA PRO A 42 -8.86 11.47 -41.44
C PRO A 42 -9.45 12.44 -40.44
N GLU A 43 -10.26 11.97 -39.50
CA GLU A 43 -10.85 12.87 -38.51
C GLU A 43 -9.83 13.37 -37.49
N LEU A 44 -8.77 12.60 -37.25
CA LEU A 44 -7.74 12.99 -36.27
C LEU A 44 -6.46 13.49 -36.92
N TYR A 45 -6.43 13.63 -38.23
CA TYR A 45 -5.30 14.27 -38.93
C TYR A 45 -5.68 15.73 -39.12
N LEU A 46 -5.14 16.59 -38.27
CA LEU A 46 -5.56 17.99 -38.19
C LEU A 46 -4.43 18.91 -38.60
N SER A 47 -4.73 19.84 -39.50
CA SER A 47 -3.84 20.95 -39.83
C SER A 47 -4.23 22.13 -38.94
N VAL A 48 -3.33 22.49 -38.02
CA VAL A 48 -3.63 23.46 -36.98
C VAL A 48 -3.21 24.85 -37.44
N HIS A 49 -4.06 25.83 -37.17
CA HIS A 49 -3.78 27.24 -37.46
C HIS A 49 -4.10 28.05 -36.21
N ASP A 50 -3.10 28.77 -35.70
CA ASP A 50 -3.22 29.49 -34.43
C ASP A 50 -3.10 30.98 -34.64
N PRO A 51 -4.21 31.73 -34.64
CA PRO A 51 -4.09 33.19 -34.69
C PRO A 51 -3.42 33.78 -33.47
N ALA A 52 -3.58 33.13 -32.30
CA ALA A 52 -2.91 33.61 -31.10
C ALA A 52 -1.41 33.35 -31.14
N GLY A 53 -1.00 32.27 -31.81
CA GLY A 53 0.42 31.97 -31.95
C GLY A 53 1.11 31.58 -30.68
N ALA A 54 0.38 31.06 -29.69
CA ALA A 54 0.98 30.65 -28.43
C ALA A 54 1.43 29.19 -28.46
N LEU A 55 0.57 28.29 -28.92
CA LEU A 55 0.92 26.87 -28.95
C LEU A 55 2.04 26.61 -29.94
N GLN A 56 1.98 27.23 -31.12
CA GLN A 56 3.04 27.02 -32.11
C GLN A 56 4.36 27.60 -31.63
N ALA A 57 4.32 28.75 -30.95
CA ALA A 57 5.56 29.31 -30.41
C ALA A 57 6.13 28.43 -29.30
N ALA A 58 5.27 27.87 -28.46
CA ALA A 58 5.74 26.95 -27.42
C ALA A 58 6.33 25.69 -28.02
N PHE A 59 5.75 25.20 -29.11
CA PHE A 59 6.30 24.01 -29.78
C PHE A 59 7.61 24.33 -30.48
N ARG A 60 7.76 25.54 -31.00
CA ARG A 60 9.01 25.92 -31.65
C ARG A 60 10.12 26.13 -30.62
N ARG A 61 9.78 26.67 -29.45
CA ARG A 61 10.73 26.86 -28.37
C ARG A 61 11.01 25.58 -27.58
N TYR A 62 10.51 24.45 -28.06
CA TYR A 62 10.74 23.19 -27.37
C TYR A 62 12.21 22.79 -27.48
N PRO A 63 12.80 22.23 -26.42
CA PRO A 63 14.22 21.86 -26.48
C PRO A 63 14.50 20.83 -27.57
N ARG A 64 15.69 20.94 -28.16
CA ARG A 64 16.08 20.02 -29.22
C ARG A 64 16.39 18.65 -28.66
N GLY A 65 15.91 17.61 -29.34
CA GLY A 65 16.16 16.26 -28.90
C GLY A 65 15.34 15.82 -27.70
N ALA A 66 14.45 16.68 -27.20
CA ALA A 66 13.64 16.31 -26.05
C ALA A 66 12.63 15.23 -26.42
N PRO A 67 12.24 14.40 -25.47
CA PRO A 67 11.29 13.31 -25.78
C PRO A 67 9.93 13.85 -26.17
N ALA A 68 9.15 12.97 -26.80
CA ALA A 68 7.82 13.35 -27.26
C ALA A 68 6.91 13.59 -26.06
N PRO A 69 6.25 14.74 -25.98
CA PRO A 69 5.36 14.99 -24.84
C PRO A 69 4.08 14.18 -24.93
N HIS A 70 3.50 13.89 -23.76
CA HIS A 70 2.21 13.22 -23.73
C HIS A 70 1.11 14.16 -24.19
N CYS A 71 0.10 13.60 -24.85
CA CYS A 71 -0.98 14.39 -25.42
C CYS A 71 -2.30 13.65 -25.27
N GLU A 72 -3.37 14.42 -25.01
CA GLU A 72 -4.71 13.85 -24.94
C GLU A 72 -5.68 14.78 -25.65
N MET A 73 -6.65 14.18 -26.34
CA MET A 73 -7.67 14.95 -27.06
C MET A 73 -9.05 14.45 -26.69
N SER A 74 -9.92 15.36 -26.28
CA SER A 74 -11.28 15.02 -25.89
C SER A 74 -12.26 15.96 -26.58
N ARG A 75 -13.55 15.67 -26.41
CA ARG A 75 -14.62 16.47 -26.97
C ARG A 75 -15.23 17.34 -25.87
N PHE A 76 -15.13 18.66 -26.05
CA PHE A 76 -15.68 19.61 -25.10
C PHE A 76 -17.08 20.04 -25.51
N VAL A 77 -17.88 20.40 -24.51
CA VAL A 77 -19.26 20.81 -24.67
C VAL A 77 -19.42 22.20 -24.04
N PRO A 78 -19.73 23.24 -24.83
CA PRO A 78 -19.92 24.60 -24.31
C PRO A 78 -21.20 24.75 -23.50
N ALA A 102 -18.15 21.76 -33.64
CA ALA A 102 -17.48 20.85 -32.72
C ALA A 102 -16.47 21.59 -31.86
N TRP A 103 -15.96 20.91 -30.83
CA TRP A 103 -14.98 21.50 -29.93
C TRP A 103 -14.03 20.42 -29.45
N LEU A 104 -12.76 20.54 -29.82
CA LEU A 104 -11.72 19.61 -29.40
C LEU A 104 -10.87 20.27 -28.31
N MET A 105 -10.65 19.54 -27.23
CA MET A 105 -9.82 20.00 -26.12
C MET A 105 -8.54 19.17 -26.12
N VAL A 106 -7.40 19.84 -26.30
CA VAL A 106 -6.09 19.19 -26.35
C VAL A 106 -5.33 19.54 -25.10
N SER A 107 -4.87 18.52 -24.38
CA SER A 107 -4.03 18.66 -23.20
C SER A 107 -2.66 18.08 -23.54
N ILE A 108 -1.66 18.95 -23.67
CA ILE A 108 -0.30 18.55 -23.95
C ILE A 108 0.51 18.71 -22.67
N SER A 109 1.04 17.60 -22.15
CA SER A 109 1.81 17.60 -20.92
C SER A 109 3.22 17.12 -21.19
N SER A 110 4.18 17.71 -20.49
CA SER A 110 5.59 17.38 -20.64
C SER A 110 6.33 17.89 -19.41
N PRO A 111 7.49 17.33 -19.09
CA PRO A 111 8.29 17.86 -17.98
C PRO A 111 9.02 19.15 -18.34
N VAL A 112 8.52 19.86 -19.36
CA VAL A 112 9.12 21.11 -19.81
C VAL A 112 8.03 22.18 -19.89
N LEU A 113 6.85 21.80 -20.36
CA LEU A 113 5.75 22.74 -20.50
C LEU A 113 4.43 22.01 -20.26
N SER A 114 3.40 22.81 -19.97
CA SER A 114 2.03 22.29 -19.83
C SER A 114 1.10 23.22 -20.61
N LEU A 115 0.34 22.66 -21.53
CA LEU A 115 -0.48 23.45 -22.45
C LEU A 115 -1.86 22.85 -22.56
N SER A 116 -2.88 23.72 -22.59
CA SER A 116 -4.26 23.32 -22.80
C SER A 116 -4.84 24.22 -23.88
N SER A 117 -5.45 23.61 -24.90
CA SER A 117 -5.93 24.37 -26.05
C SER A 117 -7.32 23.90 -26.45
N LEU A 118 -8.09 24.84 -26.97
CA LEU A 118 -9.40 24.56 -27.56
C LEU A 118 -9.34 24.83 -29.06
N LEU A 119 -9.80 23.86 -29.84
CA LEU A 119 -9.75 23.94 -31.30
C LEU A 119 -11.15 24.12 -31.87
N ARG A 120 -11.21 24.37 -33.18
CA ARG A 120 -12.46 24.55 -33.88
C ARG A 120 -12.28 24.28 -35.37
N PRO A 121 -12.91 23.22 -35.90
CA PRO A 121 -12.80 22.88 -37.32
C PRO A 121 -13.59 23.83 -38.22
N LEU A 131 -6.64 14.79 -47.51
CA LEU A 131 -7.65 14.46 -46.51
C LEU A 131 -7.18 14.83 -45.11
N ILE A 132 -7.20 16.12 -44.80
CA ILE A 132 -6.77 16.64 -43.51
C ILE A 132 -7.78 17.67 -43.03
N THR A 133 -8.26 17.50 -41.80
CA THR A 133 -9.23 18.43 -41.24
C THR A 133 -8.53 19.69 -40.75
N MET A 134 -8.99 20.85 -41.22
CA MET A 134 -8.42 22.12 -40.80
C MET A 134 -9.03 22.56 -39.48
N ALA A 135 -8.17 22.98 -38.54
CA ALA A 135 -8.62 23.40 -37.22
C ALA A 135 -7.98 24.74 -36.87
N THR A 136 -8.71 25.54 -36.09
CA THR A 136 -8.27 26.86 -35.67
C THR A 136 -8.24 26.92 -34.15
N VAL A 137 -7.12 27.39 -33.59
CA VAL A 137 -6.98 27.51 -32.15
C VAL A 137 -7.82 28.68 -31.65
N VAL A 138 -8.56 28.45 -30.57
CA VAL A 138 -9.42 29.47 -29.97
C VAL A 138 -8.82 30.00 -28.67
N LEU A 139 -8.69 29.14 -27.66
CA LEU A 139 -8.14 29.53 -26.36
C LEU A 139 -6.95 28.64 -26.03
N THR A 140 -5.93 29.23 -25.41
CA THR A 140 -4.72 28.50 -25.04
C THR A 140 -4.23 28.98 -23.69
N VAL A 141 -3.92 28.03 -22.81
CA VAL A 141 -3.32 28.30 -21.51
C VAL A 141 -2.01 27.53 -21.45
N LEU A 142 -0.90 28.25 -21.29
CA LEU A 142 0.43 27.67 -21.39
C LEU A 142 1.28 28.07 -20.18
N THR A 143 2.05 27.12 -19.68
CA THR A 143 3.03 27.40 -18.63
C THR A 143 4.33 26.67 -18.96
N HIS A 144 5.44 27.40 -18.89
CA HIS A 144 6.77 26.84 -19.12
C HIS A 144 7.47 26.44 -17.84
N THR A 145 6.79 26.53 -16.70
CA THR A 145 7.33 26.10 -15.41
C THR A 145 6.39 25.07 -14.79
N PRO A 146 6.31 23.88 -15.38
CA PRO A 146 5.35 22.88 -14.87
C PRO A 146 5.85 22.10 -13.66
N ALA A 147 7.17 22.04 -13.44
CA ALA A 147 7.75 21.31 -12.31
C ALA A 147 8.71 22.24 -11.57
N PRO A 148 8.19 23.18 -10.78
CA PRO A 148 9.07 24.07 -10.01
C PRO A 148 9.50 23.41 -8.71
N ARG A 149 10.79 23.52 -8.40
CA ARG A 149 11.37 22.97 -7.18
C ARG A 149 11.90 24.13 -6.34
N VAL A 150 11.18 24.45 -5.27
CA VAL A 150 11.53 25.58 -4.40
C VAL A 150 12.08 25.01 -3.09
N ARG A 151 13.07 25.70 -2.52
CA ARG A 151 13.62 25.30 -1.25
C ARG A 151 12.63 25.55 -0.12
N LEU A 152 12.73 24.75 0.93
CA LEU A 152 11.82 24.87 2.06
C LEU A 152 12.05 26.19 2.78
N GLY A 153 10.97 26.95 2.97
CA GLY A 153 11.03 28.25 3.62
C GLY A 153 11.07 29.42 2.66
N GLN A 154 11.36 29.18 1.38
CA GLN A 154 11.43 30.22 0.38
C GLN A 154 10.06 30.42 -0.27
N ASP A 155 9.90 31.56 -0.94
CA ASP A 155 8.65 31.88 -1.61
C ASP A 155 8.61 31.25 -2.99
N ALA A 156 7.44 30.72 -3.36
CA ALA A 156 7.24 30.08 -4.64
C ALA A 156 6.49 31.00 -5.59
N LEU A 157 6.91 31.04 -6.85
CA LEU A 157 6.31 31.88 -7.87
C LEU A 157 5.95 31.03 -9.07
N LEU A 158 4.70 30.58 -9.14
CA LEU A 158 4.21 29.80 -10.27
C LEU A 158 3.77 30.74 -11.38
N ASP A 159 4.35 30.58 -12.56
CA ASP A 159 4.07 31.46 -13.69
C ASP A 159 3.10 30.79 -14.66
N LEU A 160 2.33 31.62 -15.36
CA LEU A 160 1.34 31.14 -16.31
C LEU A 160 1.04 32.24 -17.32
N SER A 161 0.75 31.83 -18.55
CA SER A 161 0.36 32.74 -19.61
C SER A 161 -0.84 32.19 -20.35
N PHE A 162 -1.58 33.07 -21.02
CA PHE A 162 -2.76 32.65 -21.74
C PHE A 162 -2.97 33.53 -22.96
N ALA A 163 -3.71 32.99 -23.93
CA ALA A 163 -4.00 33.67 -25.18
C ALA A 163 -5.41 33.29 -25.62
N TYR A 164 -6.14 34.28 -26.14
CA TYR A 164 -7.53 34.10 -26.54
C TYR A 164 -7.72 34.63 -27.96
N MET A 165 -8.24 33.76 -28.83
CA MET A 165 -8.55 34.14 -30.21
C MET A 165 -10.01 33.78 -30.47
N PRO A 166 -10.91 34.77 -30.54
CA PRO A 166 -12.33 34.43 -30.67
C PRO A 166 -12.65 33.96 -32.07
N PRO A 167 -13.62 33.05 -32.22
CA PRO A 167 -14.03 32.61 -33.56
C PRO A 167 -14.72 33.74 -34.32
N THR A 168 -14.94 33.49 -35.61
CA THR A 168 -15.59 34.48 -36.45
C THR A 168 -17.05 34.69 -36.06
N SER A 169 -17.73 33.64 -35.61
CA SER A 169 -19.12 33.79 -35.19
C SER A 169 -19.22 34.54 -33.87
N GLU A 170 -18.18 34.50 -33.04
CA GLU A 170 -18.21 35.21 -31.76
C GLU A 170 -17.98 36.70 -31.96
N ALA A 171 -16.93 37.07 -32.71
CA ALA A 171 -16.62 38.48 -32.90
C ALA A 171 -17.69 39.19 -33.74
N ALA A 172 -18.35 38.46 -34.63
CA ALA A 172 -19.38 39.07 -35.46
C ALA A 172 -20.64 39.39 -34.66
N SER A 173 -20.91 38.63 -33.60
CA SER A 173 -22.06 38.84 -32.74
C SER A 173 -21.67 39.44 -31.39
N SER A 174 -20.52 40.10 -31.31
CA SER A 174 -20.02 40.68 -30.08
C SER A 174 -20.03 42.19 -30.18
N LEU A 175 -20.84 42.84 -29.34
CA LEU A 175 -20.82 44.28 -29.19
C LEU A 175 -20.03 44.70 -27.95
N ALA A 176 -19.08 43.88 -27.54
CA ALA A 176 -18.33 44.15 -26.33
C ALA A 176 -17.37 45.32 -26.53
N PRO A 177 -17.08 46.08 -25.47
CA PRO A 177 -16.15 47.21 -25.61
C PRO A 177 -14.73 46.79 -25.95
N GLY A 178 -14.32 45.57 -25.61
CA GLY A 178 -12.99 45.10 -25.91
C GLY A 178 -12.70 43.74 -25.31
N PRO A 179 -11.64 43.66 -24.50
CA PRO A 179 -11.29 42.39 -23.88
C PRO A 179 -12.30 41.99 -22.83
N PRO A 180 -12.69 40.72 -22.78
CA PRO A 180 -13.70 40.29 -21.81
C PRO A 180 -13.11 40.19 -20.41
N PRO A 181 -13.95 40.26 -19.37
CA PRO A 181 -13.43 40.09 -18.01
C PRO A 181 -13.24 38.62 -17.67
N PHE A 182 -12.08 38.29 -17.14
CA PHE A 182 -11.69 36.91 -16.89
C PHE A 182 -11.54 36.65 -15.40
N GLY A 183 -11.58 35.37 -15.04
CA GLY A 183 -11.29 34.92 -13.69
C GLY A 183 -10.18 33.90 -13.72
N LEU A 184 -9.34 33.92 -12.69
CA LEU A 184 -8.20 33.01 -12.58
C LEU A 184 -8.23 32.36 -11.21
N GLU A 185 -8.50 31.05 -11.17
CA GLU A 185 -8.56 30.30 -9.94
C GLU A 185 -7.33 29.42 -9.81
N TRP A 186 -6.79 29.33 -8.60
CA TRP A 186 -5.65 28.48 -8.28
C TRP A 186 -6.08 27.56 -7.14
N ARG A 187 -6.02 26.25 -7.40
CA ARG A 187 -6.46 25.26 -6.43
C ARG A 187 -5.38 24.19 -6.26
N ARG A 188 -5.55 23.37 -5.22
CA ARG A 188 -4.70 22.21 -4.98
C ARG A 188 -5.50 20.96 -5.29
N GLN A 189 -4.94 20.07 -6.11
CA GLN A 189 -5.65 18.92 -6.64
C GLN A 189 -5.11 17.62 -6.08
N HIS A 190 -6.01 16.64 -5.92
CA HIS A 190 -5.64 15.30 -5.48
C HIS A 190 -6.59 14.32 -6.17
N LEU A 191 -6.25 13.98 -7.42
CA LEU A 191 -7.05 13.06 -8.25
C LEU A 191 -8.48 13.58 -8.42
N GLY A 192 -8.59 14.85 -8.79
CA GLY A 192 -9.88 15.47 -9.01
C GLY A 192 -9.91 16.94 -8.69
N LYS A 193 -10.36 17.27 -7.47
CA LYS A 193 -10.40 18.65 -7.01
C LYS A 193 -10.50 18.65 -5.50
N GLY A 194 -10.32 19.82 -4.90
CA GLY A 194 -10.37 19.92 -3.45
C GLY A 194 -10.42 21.33 -2.92
N HIS A 195 -9.26 21.94 -2.71
CA HIS A 195 -9.15 23.22 -2.02
C HIS A 195 -8.77 24.31 -3.02
N LEU A 196 -9.69 25.25 -3.24
CA LEU A 196 -9.40 26.44 -4.03
C LEU A 196 -8.60 27.41 -3.17
N LEU A 197 -7.42 27.81 -3.65
CA LEU A 197 -6.51 28.64 -2.86
C LEU A 197 -6.60 30.12 -3.20
N LEU A 198 -6.63 30.48 -4.48
CA LEU A 198 -6.56 31.88 -4.87
C LEU A 198 -7.54 32.16 -6.00
N ALA A 199 -7.98 33.41 -6.07
CA ALA A 199 -8.88 33.87 -7.11
C ALA A 199 -8.69 35.38 -7.28
N ALA A 200 -9.63 36.01 -7.98
CA ALA A 200 -9.57 37.45 -8.21
C ALA A 200 -10.66 38.17 -7.44
N ALA A 211 -8.63 31.05 1.79
CA ALA A 211 -7.40 31.65 1.32
C ALA A 211 -6.44 31.90 2.49
N GLN A 212 -6.17 30.86 3.26
CA GLN A 212 -5.28 30.96 4.39
C GLN A 212 -3.82 30.92 3.94
N GLU A 213 -2.93 31.40 4.82
CA GLU A 213 -1.48 31.34 4.62
C GLU A 213 -1.04 32.12 3.38
N GLY A 214 -1.78 33.15 3.02
CA GLY A 214 -1.38 34.02 1.90
C GLY A 214 -1.92 33.50 0.57
N ALA A 215 -1.01 33.01 -0.28
CA ALA A 215 -1.33 32.52 -1.62
C ALA A 215 -2.02 33.61 -2.44
N VAL A 216 -1.23 34.50 -3.03
CA VAL A 216 -1.73 35.65 -3.79
C VAL A 216 -1.77 35.29 -5.26
N ALA A 217 -2.78 35.78 -5.97
CA ALA A 217 -2.91 35.56 -7.40
C ALA A 217 -2.98 36.90 -8.13
N PHE A 218 -2.29 36.99 -9.25
CA PHE A 218 -2.33 38.17 -10.10
C PHE A 218 -2.55 37.74 -11.55
N ALA A 219 -3.29 38.55 -12.29
CA ALA A 219 -3.59 38.25 -13.67
C ALA A 219 -3.91 39.53 -14.41
N ALA A 220 -3.45 39.63 -15.66
CA ALA A 220 -3.69 40.84 -16.44
C ALA A 220 -3.46 40.54 -17.91
N TRP A 221 -3.89 41.48 -18.75
CA TRP A 221 -3.63 41.48 -20.18
C TRP A 221 -2.66 42.56 -20.61
N ASP A 222 -2.83 43.78 -20.07
CA ASP A 222 -1.99 44.94 -20.39
C ASP A 222 -1.92 45.21 -21.90
N ASP A 223 -2.88 44.70 -22.66
CA ASP A 223 -2.98 44.98 -24.09
C ASP A 223 -4.16 45.90 -24.37
N ASP A 224 -5.38 45.47 -24.02
CA ASP A 224 -6.58 46.29 -24.13
C ASP A 224 -6.80 46.83 -25.53
N GLU A 225 -6.39 46.06 -26.55
CA GLU A 225 -6.59 46.45 -27.93
C GLU A 225 -7.87 45.79 -28.44
N PRO A 226 -8.97 46.53 -28.61
CA PRO A 226 -10.24 45.90 -29.02
C PRO A 226 -10.20 45.34 -30.42
N TRP A 227 -9.32 44.38 -30.67
CA TRP A 227 -9.18 43.75 -31.98
C TRP A 227 -8.23 42.57 -31.86
N GLY A 228 -8.52 41.52 -32.64
CA GLY A 228 -7.64 40.38 -32.75
C GLY A 228 -7.50 39.60 -31.47
N PRO A 229 -6.53 38.68 -31.44
CA PRO A 229 -6.32 37.87 -30.24
C PRO A 229 -5.65 38.67 -29.13
N TRP A 230 -5.90 38.24 -27.90
CA TRP A 230 -5.33 38.88 -26.71
C TRP A 230 -4.37 37.93 -26.01
N THR A 231 -3.31 38.50 -25.46
CA THR A 231 -2.37 37.77 -24.62
C THR A 231 -2.44 38.28 -23.19
N GLY A 232 -2.07 37.43 -22.24
CA GLY A 232 -2.18 37.80 -20.84
C GLY A 232 -1.25 36.98 -19.97
N ASN A 233 -0.83 37.59 -18.86
CA ASN A 233 0.01 36.96 -17.86
C ASN A 233 -0.79 36.62 -16.62
N GLY A 234 -0.33 35.61 -15.90
CA GLY A 234 -0.93 35.18 -14.65
C GLY A 234 0.08 34.54 -13.73
N THR A 235 0.24 35.09 -12.53
CA THR A 235 1.24 34.63 -11.56
C THR A 235 0.57 34.25 -10.25
N PHE A 236 1.23 33.32 -9.53
CA PHE A 236 0.77 32.84 -8.24
C PHE A 236 1.94 32.85 -7.26
N TRP A 237 1.74 33.49 -6.12
CA TRP A 237 2.77 33.63 -5.09
C TRP A 237 2.37 32.84 -3.86
N LEU A 238 3.25 31.96 -3.41
CA LEU A 238 3.04 31.15 -2.22
C LEU A 238 4.13 31.44 -1.20
N PRO A 239 3.81 32.13 -0.09
CA PRO A 239 4.85 32.54 0.86
C PRO A 239 5.17 31.47 1.89
N ARG A 240 6.47 31.36 2.20
CA ARG A 240 6.99 30.45 3.22
C ARG A 240 6.46 29.03 3.01
N VAL A 241 6.97 28.41 1.95
CA VAL A 241 6.48 27.09 1.54
C VAL A 241 6.86 26.07 2.61
N GLN A 242 5.84 25.45 3.21
CA GLN A 242 5.99 24.40 4.19
C GLN A 242 5.90 23.04 3.51
N PRO A 243 6.43 21.98 4.14
CA PRO A 243 6.34 20.65 3.53
C PRO A 243 4.92 20.15 3.33
N PHE A 244 3.96 20.64 4.12
CA PHE A 244 2.57 20.23 3.98
C PHE A 244 1.88 20.88 2.79
N GLN A 245 2.56 21.73 2.04
CA GLN A 245 1.99 22.42 0.90
C GLN A 245 2.46 21.87 -0.44
N GLU A 246 3.23 20.79 -0.43
CA GLU A 246 3.73 20.20 -1.67
C GLU A 246 2.68 19.33 -2.32
N GLY A 247 2.75 19.23 -3.65
CA GLY A 247 1.82 18.38 -4.38
C GLY A 247 1.35 18.96 -5.70
N THR A 248 0.16 18.55 -6.13
CA THR A 248 -0.37 18.94 -7.43
C THR A 248 -1.23 20.19 -7.29
N TYR A 249 -0.95 21.19 -8.13
CA TYR A 249 -1.72 22.42 -8.20
C TYR A 249 -2.39 22.52 -9.56
N LEU A 250 -3.50 23.25 -9.61
CA LEU A 250 -4.29 23.40 -10.83
C LEU A 250 -4.63 24.87 -11.02
N ALA A 251 -4.38 25.38 -12.23
CA ALA A 251 -4.72 26.75 -12.59
C ALA A 251 -5.83 26.73 -13.62
N THR A 252 -6.93 27.40 -13.31
CA THR A 252 -8.12 27.39 -14.15
C THR A 252 -8.47 28.81 -14.56
N ILE A 253 -8.46 29.07 -15.86
CA ILE A 253 -8.88 30.35 -16.42
C ILE A 253 -10.33 30.21 -16.86
N HIS A 254 -11.22 30.98 -16.24
CA HIS A 254 -12.64 30.95 -16.53
C HIS A 254 -13.05 32.27 -17.17
N LEU A 255 -13.36 32.23 -18.48
CA LEU A 255 -13.90 33.29 -19.29
C LEU A 255 -15.39 33.08 -19.51
N PRO A 256 -16.16 34.16 -19.73
CA PRO A 256 -17.59 34.00 -20.00
C PRO A 256 -17.87 33.04 -21.16
N TYR A 257 -16.86 32.81 -21.99
CA TYR A 257 -16.98 31.79 -23.02
C TYR A 257 -16.90 30.39 -22.42
N LEU A 258 -15.78 30.07 -21.76
CA LEU A 258 -15.57 28.72 -21.23
C LEU A 258 -14.43 28.66 -20.23
N GLN A 259 -13.96 27.45 -19.93
CA GLN A 259 -12.92 27.24 -18.93
C GLN A 259 -11.76 26.45 -19.51
N GLY A 260 -10.55 26.86 -19.16
CA GLY A 260 -9.35 26.11 -19.48
C GLY A 260 -8.59 25.80 -18.20
N GLN A 261 -7.89 24.67 -18.20
CA GLN A 261 -7.21 24.20 -17.00
C GLN A 261 -5.83 23.67 -17.33
N VAL A 262 -4.87 23.96 -16.47
CA VAL A 262 -3.51 23.43 -16.57
C VAL A 262 -3.09 22.90 -15.21
N THR A 263 -2.18 21.93 -15.24
CA THR A 263 -1.74 21.22 -14.05
C THR A 263 -0.25 21.42 -13.84
N LEU A 264 0.14 21.65 -12.58
CA LEU A 264 1.55 21.80 -12.20
C LEU A 264 1.82 20.91 -10.99
N GLU A 265 3.09 20.59 -10.79
CA GLU A 265 3.53 19.75 -9.69
C GLU A 265 4.61 20.49 -8.90
N LEU A 266 4.23 21.04 -7.75
CA LEU A 266 5.15 21.79 -6.90
C LEU A 266 5.77 20.82 -5.90
N ALA A 267 7.08 20.61 -6.02
CA ALA A 267 7.84 19.75 -5.13
C ALA A 267 8.79 20.58 -4.27
N VAL A 268 9.00 20.13 -3.04
CA VAL A 268 9.84 20.83 -2.08
C VAL A 268 11.03 19.94 -1.73
N TYR A 269 12.21 20.54 -1.63
CA TYR A 269 13.43 19.83 -1.29
C TYR A 269 14.17 20.59 -0.20
N LYS A 270 15.20 19.95 0.35
CA LYS A 270 16.02 20.54 1.40
C LYS A 270 17.39 19.88 1.44
N PRO A 271 18.46 20.61 1.10
CA PRO A 271 19.80 20.01 1.10
C PRO A 271 20.24 19.64 2.51
N PRO A 272 20.85 18.49 2.68
CA PRO A 272 21.30 18.07 4.02
C PRO A 272 22.67 18.64 4.36
N LYS A 273 22.97 18.62 5.66
CA LYS A 273 24.26 19.04 6.17
C LYS A 273 25.07 17.82 6.56
N VAL A 274 26.20 17.61 5.89
CA VAL A 274 27.02 16.42 6.07
C VAL A 274 28.22 16.76 6.95
N SER A 275 28.57 15.83 7.85
CA SER A 275 29.71 16.01 8.73
C SER A 275 30.22 14.64 9.15
N LEU A 276 31.55 14.52 9.27
CA LEU A 276 32.18 13.27 9.66
C LEU A 276 33.10 13.51 10.86
N MET A 277 33.19 12.51 11.71
CA MET A 277 33.99 12.58 12.92
C MET A 277 34.20 11.18 13.46
N PRO A 278 35.26 10.94 14.23
CA PRO A 278 35.44 9.63 14.86
C PRO A 278 34.38 9.37 15.92
N ALA A 279 34.20 8.09 16.23
CA ALA A 279 33.22 7.65 17.20
C ALA A 279 33.91 7.11 18.45
N THR A 280 33.19 7.16 19.57
CA THR A 280 33.68 6.67 20.85
C THR A 280 32.57 5.88 21.53
N LEU A 281 32.86 5.41 22.75
CA LEU A 281 31.89 4.63 23.51
C LEU A 281 32.19 4.70 25.00
N ALA A 282 31.87 5.83 25.62
CA ALA A 282 32.10 6.01 27.05
C ALA A 282 30.89 5.56 27.86
N PRO A 286 35.54 0.94 27.97
CA PRO A 286 36.48 1.70 27.13
C PRO A 286 37.94 1.37 27.43
N GLY A 287 38.87 2.18 26.94
CA GLY A 287 40.28 1.89 27.06
C GLY A 287 40.83 1.33 25.78
N GLU A 288 40.37 0.13 25.40
CA GLU A 288 40.69 -0.44 24.11
C GLU A 288 39.82 0.22 23.03
N ALA A 289 40.01 -0.21 21.79
CA ALA A 289 39.32 0.42 20.66
C ALA A 289 38.51 -0.59 19.87
N PRO A 290 37.18 -0.58 19.99
CA PRO A 290 36.35 -1.36 19.07
C PRO A 290 35.88 -0.49 17.92
N PRO A 291 36.13 -0.93 16.66
CA PRO A 291 36.01 -0.08 15.45
C PRO A 291 35.37 1.29 15.63
N GLU A 292 34.11 1.43 15.19
CA GLU A 292 33.29 2.63 15.41
C GLU A 292 33.80 3.85 14.66
N LEU A 293 33.06 4.28 13.64
CA LEU A 293 33.25 5.55 12.97
C LEU A 293 31.89 6.24 12.87
N LEU A 294 31.89 7.50 12.42
CA LEU A 294 30.66 8.27 12.39
C LEU A 294 30.62 9.14 11.14
N CYS A 295 29.40 9.52 10.76
CA CYS A 295 29.15 10.41 9.62
C CYS A 295 27.74 10.95 9.79
N LEU A 296 27.62 12.21 10.19
CA LEU A 296 26.34 12.80 10.57
C LEU A 296 25.73 13.54 9.39
N VAL A 297 24.44 13.29 9.14
CA VAL A 297 23.65 14.02 8.16
C VAL A 297 22.60 14.82 8.91
N SER A 298 22.51 16.12 8.61
CA SER A 298 21.66 17.02 9.36
C SER A 298 20.75 17.81 8.43
N HIS A 299 19.49 17.97 8.86
CA HIS A 299 18.51 18.83 8.21
C HIS A 299 18.27 18.45 6.75
N PHE A 300 17.43 17.45 6.53
CA PHE A 300 17.03 17.04 5.19
C PHE A 300 15.54 16.75 5.19
N TYR A 301 14.90 16.97 4.05
CA TYR A 301 13.47 16.73 3.94
C TYR A 301 13.14 15.52 3.06
N PRO A 302 13.75 15.37 1.86
CA PRO A 302 13.47 14.17 1.06
C PRO A 302 13.88 12.89 1.78
N SER A 303 12.91 12.23 2.41
CA SER A 303 13.20 11.00 3.14
C SER A 303 13.65 9.88 2.21
N GLY A 304 13.15 9.88 0.97
CA GLY A 304 13.55 8.87 0.01
C GLY A 304 14.77 9.27 -0.81
N GLY A 305 15.34 8.28 -1.47
CA GLY A 305 16.54 8.52 -2.27
C GLY A 305 17.81 8.73 -1.48
N LEU A 306 17.80 8.45 -0.17
CA LEU A 306 18.97 8.62 0.67
C LEU A 306 19.69 7.29 0.78
N GLU A 307 20.97 7.27 0.38
CA GLU A 307 21.79 6.07 0.43
C GLU A 307 23.19 6.46 0.88
N VAL A 308 23.61 5.98 2.04
CA VAL A 308 24.92 6.30 2.58
C VAL A 308 25.95 5.35 1.99
N GLU A 309 27.08 5.91 1.53
CA GLU A 309 28.15 5.13 0.95
C GLU A 309 29.48 5.63 1.50
N TRP A 310 30.43 4.70 1.63
CA TRP A 310 31.76 5.00 2.15
C TRP A 310 32.80 4.74 1.07
N GLU A 311 33.89 5.49 1.12
CA GLU A 311 34.95 5.35 0.13
C GLU A 311 36.27 5.82 0.72
N LEU A 312 37.35 5.16 0.33
CA LEU A 312 38.69 5.52 0.77
C LEU A 312 39.40 6.25 -0.36
N ARG A 313 39.72 7.52 -0.13
CA ARG A 313 40.38 8.35 -1.14
C ARG A 313 41.87 8.43 -0.86
N GLY A 314 42.67 8.10 -1.87
CA GLY A 314 44.12 8.16 -1.73
C GLY A 314 44.78 6.90 -1.26
N GLY A 315 44.18 5.74 -1.50
CA GLY A 315 44.74 4.48 -1.09
C GLY A 315 45.72 3.91 -2.11
N PRO A 316 46.20 2.69 -1.86
CA PRO A 316 47.14 2.06 -2.80
C PRO A 316 46.44 1.42 -3.98
N GLY A 317 45.39 2.05 -4.47
CA GLY A 317 44.65 1.52 -5.61
C GLY A 317 43.66 2.52 -6.18
N GLY A 318 44.10 3.77 -6.32
CA GLY A 318 43.24 4.81 -6.83
C GLY A 318 42.55 5.59 -5.73
N ARG A 319 41.83 6.64 -6.15
CA ARG A 319 41.09 7.50 -5.25
C ARG A 319 39.59 7.21 -5.26
N SER A 320 39.21 5.96 -5.61
CA SER A 320 37.80 5.57 -5.67
C SER A 320 37.72 4.09 -5.27
N GLN A 321 37.82 3.84 -3.96
CA GLN A 321 37.74 2.49 -3.41
C GLN A 321 36.81 2.52 -2.20
N LYS A 322 35.73 1.75 -2.28
CA LYS A 322 34.76 1.71 -1.18
C LYS A 322 35.36 1.01 0.03
N ALA A 323 35.05 1.54 1.21
CA ALA A 323 35.56 0.98 2.44
C ALA A 323 34.90 -0.37 2.74
N GLU A 324 35.58 -1.17 3.55
CA GLU A 324 35.13 -2.49 3.94
C GLU A 324 34.92 -2.54 5.45
N GLY A 325 34.26 -3.59 5.91
CA GLY A 325 33.96 -3.79 7.30
C GLY A 325 32.49 -3.57 7.60
N GLN A 326 32.18 -3.61 8.90
CA GLN A 326 30.79 -3.45 9.33
C GLN A 326 30.35 -1.99 9.17
N ARG A 327 29.04 -1.82 8.98
CA ARG A 327 28.44 -0.50 8.83
C ARG A 327 26.94 -0.64 9.03
N TRP A 328 26.36 0.32 9.75
CA TRP A 328 24.94 0.26 10.07
C TRP A 328 24.36 1.67 10.05
N LEU A 329 23.05 1.74 9.78
CA LEU A 329 22.33 3.00 9.73
C LEU A 329 20.92 2.79 10.26
N SER A 330 20.55 3.56 11.28
CA SER A 330 19.22 3.51 11.86
C SER A 330 18.96 4.78 12.67
N ALA A 331 20.03 5.51 12.97
CA ALA A 331 19.94 6.72 13.77
C ALA A 331 19.30 7.83 12.96
N LEU A 332 18.09 8.24 13.34
CA LEU A 332 17.43 9.36 12.70
C LEU A 332 16.56 10.07 13.74
N ARG A 333 16.46 11.39 13.60
CA ARG A 333 15.70 12.21 14.53
C ARG A 333 14.88 13.22 13.75
N HIS A 334 13.65 13.44 14.21
CA HIS A 334 12.74 14.42 13.60
C HIS A 334 12.90 15.75 14.33
N HIS A 335 13.42 16.75 13.63
CA HIS A 335 13.62 18.07 14.22
C HIS A 335 12.27 18.79 14.37
N SER A 336 12.34 19.99 14.93
CA SER A 336 11.14 20.81 15.17
C SER A 336 10.85 21.73 14.00
N ASP A 337 10.84 21.17 12.79
CA ASP A 337 10.54 21.93 11.58
C ASP A 337 10.13 21.02 10.44
N GLY A 338 10.03 19.72 10.72
CA GLY A 338 9.70 18.72 9.74
C GLY A 338 10.90 18.02 9.13
N SER A 339 12.08 18.64 9.17
CA SER A 339 13.28 18.03 8.61
C SER A 339 13.76 16.90 9.54
N VAL A 340 14.69 16.10 9.02
CA VAL A 340 15.23 14.96 9.74
C VAL A 340 16.75 15.02 9.72
N SER A 341 17.36 14.22 10.58
CA SER A 341 18.80 14.05 10.63
C SER A 341 19.13 12.57 10.55
N LEU A 342 20.42 12.28 10.37
CA LEU A 342 20.86 10.90 10.23
C LEU A 342 22.31 10.80 10.69
N SER A 343 22.69 9.61 11.16
CA SER A 343 24.05 9.33 11.61
C SER A 343 24.52 8.04 10.99
N GLY A 344 25.51 8.12 10.10
CA GLY A 344 26.10 6.94 9.52
C GLY A 344 27.30 6.46 10.33
N HIS A 345 27.56 5.16 10.27
CA HIS A 345 28.61 4.55 11.06
C HIS A 345 29.39 3.55 10.21
N LEU A 346 30.69 3.45 10.47
CA LEU A 346 31.58 2.58 9.72
C LEU A 346 32.50 1.85 10.69
N GLN A 347 32.85 0.61 10.33
CA GLN A 347 33.79 -0.21 11.10
C GLN A 347 34.94 -0.60 10.17
N PRO A 348 35.97 0.23 10.06
CA PRO A 348 37.05 -0.05 9.11
C PRO A 348 38.05 -1.02 9.70
N PRO A 349 38.78 -1.75 8.87
CA PRO A 349 39.82 -2.65 9.36
C PRO A 349 40.99 -1.87 9.92
N PRO A 350 41.91 -2.53 10.64
CA PRO A 350 43.08 -1.81 11.15
C PRO A 350 43.88 -1.15 10.03
N VAL A 351 44.35 0.06 10.31
CA VAL A 351 45.07 0.84 9.30
C VAL A 351 46.45 0.23 9.07
N THR A 352 46.77 -0.02 7.80
CA THR A 352 48.06 -0.57 7.42
C THR A 352 49.02 0.56 7.05
N THR A 353 50.30 0.21 6.92
CA THR A 353 51.30 1.21 6.54
C THR A 353 51.08 1.73 5.13
N GLU A 354 50.51 0.90 4.24
CA GLU A 354 50.27 1.32 2.86
C GLU A 354 49.14 2.33 2.75
N GLN A 355 48.27 2.43 3.76
CA GLN A 355 47.17 3.37 3.74
C GLN A 355 47.49 4.68 4.45
N HIS A 356 48.78 4.96 4.67
CA HIS A 356 49.17 6.22 5.28
C HIS A 356 49.02 7.37 4.29
N GLY A 357 48.49 8.49 4.77
CA GLY A 357 48.23 9.64 3.94
C GLY A 357 46.83 9.69 3.34
N ALA A 358 46.14 8.56 3.26
CA ALA A 358 44.79 8.52 2.74
C ALA A 358 43.81 9.06 3.80
N ARG A 359 42.55 9.20 3.38
CA ARG A 359 41.51 9.72 4.26
C ARG A 359 40.18 9.08 3.88
N TYR A 360 39.43 8.68 4.90
CA TYR A 360 38.11 8.10 4.69
C TYR A 360 37.09 9.21 4.42
N ALA A 361 36.02 8.84 3.73
CA ALA A 361 34.97 9.79 3.39
C ALA A 361 33.65 9.05 3.19
N CYS A 362 32.56 9.70 3.57
CA CYS A 362 31.22 9.15 3.41
C CYS A 362 30.48 9.97 2.36
N ARG A 363 30.11 9.34 1.26
CA ARG A 363 29.37 9.99 0.18
C ARG A 363 27.88 9.86 0.43
N ILE A 364 27.15 10.97 0.28
CA ILE A 364 25.72 11.02 0.54
C ILE A 364 25.02 11.43 -0.76
N HIS A 365 23.95 10.71 -1.09
CA HIS A 365 23.15 10.98 -2.27
C HIS A 365 21.70 11.21 -1.86
N HIS A 366 21.07 12.19 -2.49
CA HIS A 366 19.69 12.56 -2.20
C HIS A 366 19.13 13.34 -3.38
N PRO A 367 17.82 13.29 -3.61
CA PRO A 367 17.25 14.07 -4.73
C PRO A 367 17.39 15.57 -4.56
N SER A 368 17.64 16.05 -3.34
CA SER A 368 17.91 17.46 -3.10
C SER A 368 19.38 17.81 -3.27
N LEU A 369 20.16 16.93 -3.86
CA LEU A 369 21.59 17.10 -4.06
C LEU A 369 21.92 16.88 -5.53
N PRO A 370 23.06 17.42 -6.00
CA PRO A 370 23.46 17.16 -7.40
C PRO A 370 23.77 15.70 -7.67
N ALA A 371 24.15 15.39 -8.91
CA ALA A 371 24.44 14.00 -9.26
C ALA A 371 25.65 13.47 -8.52
N SER A 372 26.60 14.35 -8.16
CA SER A 372 27.78 13.92 -7.43
C SER A 372 27.54 13.84 -5.93
N GLY A 373 26.47 14.45 -5.42
CA GLY A 373 26.18 14.40 -4.01
C GLY A 373 27.13 15.28 -3.20
N ARG A 374 27.21 14.98 -1.92
CA ARG A 374 28.07 15.69 -0.99
C ARG A 374 29.04 14.71 -0.33
N SER A 375 30.29 15.16 -0.15
CA SER A 375 31.33 14.35 0.45
C SER A 375 31.92 15.05 1.66
N ALA A 376 32.34 14.26 2.64
CA ALA A 376 32.92 14.78 3.87
C ALA A 376 34.03 13.84 4.31
N GLU A 377 35.23 14.38 4.49
CA GLU A 377 36.38 13.58 4.92
C GLU A 377 36.99 14.14 6.19
N GLN B 1 6.42 12.98 17.55
CA GLN B 1 6.17 12.30 16.27
C GLN B 1 4.68 12.05 16.06
N VAL B 2 4.30 11.79 14.82
CA VAL B 2 2.89 11.53 14.52
C VAL B 2 2.51 10.14 15.02
N GLN B 3 1.22 9.96 15.32
CA GLN B 3 0.72 8.70 15.82
C GLN B 3 -0.79 8.68 15.68
N LEU B 4 -1.33 7.49 15.42
CA LEU B 4 -2.77 7.31 15.21
C LEU B 4 -3.27 6.20 16.12
N GLN B 5 -4.16 6.55 17.04
CA GLN B 5 -4.78 5.59 17.94
C GLN B 5 -6.26 5.45 17.60
N GLN B 6 -6.70 4.22 17.40
CA GLN B 6 -8.09 3.93 17.04
C GLN B 6 -8.83 3.33 18.23
N SER B 7 -10.14 3.22 18.08
CA SER B 7 -10.98 2.67 19.13
C SER B 7 -10.80 1.15 19.21
N GLY B 8 -11.34 0.56 20.27
CA GLY B 8 -11.25 -0.86 20.47
C GLY B 8 -12.15 -1.63 19.51
N ALA B 9 -12.16 -2.96 19.72
CA ALA B 9 -12.97 -3.83 18.89
C ALA B 9 -14.45 -3.57 19.11
N GLU B 10 -15.23 -3.75 18.05
CA GLU B 10 -16.68 -3.50 18.07
C GLU B 10 -17.41 -4.79 17.70
N LEU B 11 -17.97 -5.46 18.72
CA LEU B 11 -18.81 -6.63 18.53
C LEU B 11 -20.26 -6.20 18.65
N VAL B 12 -20.97 -6.18 17.53
CA VAL B 12 -22.34 -5.68 17.50
C VAL B 12 -23.26 -6.65 16.77
N ARG B 13 -24.50 -6.24 16.54
CA ARG B 13 -25.53 -7.04 15.90
C ARG B 13 -25.76 -6.56 14.47
N PRO B 14 -26.23 -7.45 13.58
CA PRO B 14 -26.50 -7.04 12.20
C PRO B 14 -27.63 -6.01 12.14
N GLY B 15 -27.56 -5.16 11.11
CA GLY B 15 -28.56 -4.13 10.91
C GLY B 15 -28.35 -2.86 11.70
N THR B 16 -27.46 -2.87 12.70
CA THR B 16 -27.22 -1.70 13.53
C THR B 16 -26.13 -0.83 12.90
N SER B 17 -25.65 0.16 13.64
CA SER B 17 -24.61 1.07 13.19
C SER B 17 -23.44 1.06 14.16
N VAL B 18 -22.29 1.51 13.68
CA VAL B 18 -21.05 1.54 14.46
C VAL B 18 -20.26 2.78 14.07
N LYS B 19 -19.79 3.52 15.07
CA LYS B 19 -18.92 4.67 14.87
C LYS B 19 -17.61 4.44 15.62
N MET B 20 -16.51 4.54 14.90
CA MET B 20 -15.19 4.34 15.50
C MET B 20 -14.42 5.66 15.51
N SER B 21 -13.39 5.70 16.34
CA SER B 21 -12.58 6.90 16.50
C SER B 21 -11.18 6.69 15.93
N CYS B 22 -10.45 7.81 15.81
CA CYS B 22 -9.07 7.82 15.32
C CYS B 22 -8.37 9.11 15.73
N LYS B 23 -7.69 9.11 16.87
CA LYS B 23 -7.03 10.33 17.35
C LYS B 23 -5.67 10.49 16.67
N ALA B 24 -5.40 11.70 16.17
CA ALA B 24 -4.16 12.02 15.49
C ALA B 24 -3.39 13.02 16.36
N ALA B 25 -2.33 12.54 17.02
CA ALA B 25 -1.51 13.35 17.90
C ALA B 25 -0.08 13.37 17.40
N GLY B 26 0.46 14.56 17.20
CA GLY B 26 1.85 14.70 16.79
C GLY B 26 2.06 15.59 15.58
N TYR B 27 0.99 16.18 15.07
CA TYR B 27 1.07 17.04 13.90
C TYR B 27 -0.19 17.88 13.81
N THR B 28 -0.25 18.73 12.79
CA THR B 28 -1.42 19.56 12.53
C THR B 28 -2.48 18.70 11.86
N PHE B 29 -3.50 18.31 12.62
CA PHE B 29 -4.50 17.39 12.12
C PHE B 29 -5.32 17.98 10.98
N THR B 30 -5.56 19.29 11.01
CA THR B 30 -6.37 19.96 10.00
C THR B 30 -5.57 20.32 8.75
N ASN B 31 -4.41 19.71 8.54
CA ASN B 31 -3.55 20.04 7.40
C ASN B 31 -3.23 18.84 6.52
N TYR B 32 -3.74 17.65 6.85
CA TYR B 32 -3.50 16.46 6.06
C TYR B 32 -4.79 15.67 5.92
N TRP B 33 -4.85 14.87 4.86
CA TRP B 33 -6.01 14.00 4.63
C TRP B 33 -5.96 12.79 5.55
N ILE B 34 -7.14 12.29 5.90
CA ILE B 34 -7.28 11.09 6.73
C ILE B 34 -8.10 10.09 5.92
N GLY B 35 -7.46 8.99 5.52
CA GLY B 35 -8.12 7.96 4.75
C GLY B 35 -8.44 6.73 5.58
N TRP B 36 -9.41 5.96 5.11
CA TRP B 36 -9.85 4.75 5.80
C TRP B 36 -9.70 3.55 4.89
N ILE B 37 -9.06 2.50 5.39
CA ILE B 37 -8.78 1.29 4.64
C ILE B 37 -9.47 0.11 5.33
N LYS B 38 -10.06 -0.78 4.54
CA LYS B 38 -10.73 -1.97 5.03
C LYS B 38 -9.97 -3.21 4.60
N GLN B 39 -9.67 -4.09 5.55
CA GLN B 39 -8.97 -5.34 5.29
C GLN B 39 -9.85 -6.48 5.78
N ARG B 40 -10.44 -7.22 4.84
CA ARG B 40 -11.29 -8.35 5.17
C ARG B 40 -10.58 -9.64 4.79
N PRO B 41 -10.59 -10.66 5.66
CA PRO B 41 -9.87 -11.91 5.35
C PRO B 41 -10.40 -12.55 4.07
N GLY B 42 -9.53 -12.63 3.08
CA GLY B 42 -9.87 -13.21 1.79
C GLY B 42 -10.11 -12.20 0.69
N HIS B 43 -10.11 -10.90 1.00
CA HIS B 43 -10.32 -9.86 0.00
C HIS B 43 -9.24 -8.80 -0.02
N GLY B 44 -8.18 -8.94 0.77
CA GLY B 44 -7.09 -7.99 0.71
C GLY B 44 -7.45 -6.66 1.32
N LEU B 45 -6.94 -5.59 0.73
CA LEU B 45 -7.16 -4.23 1.19
C LEU B 45 -8.13 -3.50 0.27
N GLU B 46 -8.93 -2.61 0.85
CA GLU B 46 -9.90 -1.82 0.10
C GLU B 46 -9.94 -0.41 0.66
N TRP B 47 -10.05 0.57 -0.23
CA TRP B 47 -10.08 1.98 0.14
C TRP B 47 -11.53 2.43 0.27
N ILE B 48 -11.89 2.93 1.44
CA ILE B 48 -13.26 3.37 1.70
C ILE B 48 -13.46 4.83 1.35
N GLY B 49 -12.55 5.68 1.78
CA GLY B 49 -12.65 7.10 1.49
C GLY B 49 -11.74 7.91 2.38
N ASP B 50 -11.52 9.16 1.96
CA ASP B 50 -10.70 10.10 2.70
C ASP B 50 -11.53 11.32 3.11
N ILE B 51 -11.04 12.01 4.14
CA ILE B 51 -11.68 13.21 4.65
C ILE B 51 -10.60 14.19 5.07
N TYR B 52 -10.76 15.45 4.69
CA TYR B 52 -9.81 16.49 5.06
C TYR B 52 -10.45 17.40 6.11
N PRO B 53 -9.99 17.38 7.35
CA PRO B 53 -10.62 18.21 8.39
C PRO B 53 -10.37 19.70 8.21
N GLY B 54 -10.87 20.25 7.11
CA GLY B 54 -10.68 21.67 6.83
C GLY B 54 -11.78 22.25 5.97
N GLY B 55 -11.46 22.56 4.71
CA GLY B 55 -12.45 23.05 3.78
C GLY B 55 -13.17 21.94 3.04
N GLY B 56 -12.59 21.49 1.94
CA GLY B 56 -13.11 20.33 1.23
C GLY B 56 -13.06 19.09 2.08
N TYR B 57 -14.19 18.70 2.66
CA TYR B 57 -14.22 17.64 3.66
C TYR B 57 -14.02 16.25 3.06
N THR B 58 -15.11 15.62 2.62
CA THR B 58 -15.11 14.20 2.33
C THR B 58 -15.06 13.93 0.83
N ASN B 59 -14.69 12.69 0.50
CA ASN B 59 -14.69 12.20 -0.88
C ASN B 59 -14.76 10.68 -0.80
N TYR B 60 -15.91 10.12 -1.16
CA TYR B 60 -16.20 8.71 -0.89
C TYR B 60 -15.92 7.83 -2.11
N ASN B 61 -15.83 6.54 -1.83
CA ASN B 61 -15.71 5.51 -2.85
C ASN B 61 -17.08 5.24 -3.48
N GLU B 62 -17.06 4.59 -4.65
CA GLU B 62 -18.32 4.26 -5.32
C GLU B 62 -19.13 3.25 -4.51
N LYS B 63 -18.47 2.24 -3.95
CA LYS B 63 -19.14 1.21 -3.17
C LYS B 63 -19.18 1.54 -1.68
N PHE B 64 -18.82 2.76 -1.29
CA PHE B 64 -18.87 3.19 0.10
C PHE B 64 -19.45 4.59 0.21
N LYS B 65 -20.50 4.86 -0.58
CA LYS B 65 -21.17 6.16 -0.51
C LYS B 65 -22.37 6.14 0.42
N VAL B 66 -23.13 5.05 0.43
CA VAL B 66 -24.25 4.92 1.37
C VAL B 66 -23.73 4.52 2.74
N LYS B 67 -22.79 3.57 2.79
CA LYS B 67 -22.19 3.13 4.03
C LYS B 67 -20.92 3.91 4.32
N ALA B 68 -20.56 3.98 5.61
CA ALA B 68 -19.31 4.57 6.09
C ALA B 68 -19.26 6.07 5.75
N THR B 69 -20.04 6.83 6.52
CA THR B 69 -19.98 8.27 6.47
C THR B 69 -18.81 8.77 7.30
N LEU B 70 -18.19 9.86 6.85
CA LEU B 70 -16.98 10.38 7.46
C LEU B 70 -17.23 11.74 8.10
N THR B 71 -16.78 11.89 9.35
CA THR B 71 -16.83 13.16 10.06
C THR B 71 -15.53 13.34 10.84
N ALA B 72 -15.19 14.60 11.09
CA ALA B 72 -13.96 14.93 11.80
C ALA B 72 -14.25 15.99 12.85
N ASP B 73 -13.36 16.07 13.85
CA ASP B 73 -13.47 17.03 14.93
C ASP B 73 -12.18 17.83 14.97
N THR B 74 -12.27 19.12 14.59
CA THR B 74 -11.09 19.98 14.58
C THR B 74 -10.70 20.44 15.97
N SER B 75 -11.64 20.48 16.92
CA SER B 75 -11.34 20.87 18.29
C SER B 75 -10.43 19.84 18.94
N SER B 76 -11.00 18.68 19.28
CA SER B 76 -10.23 17.56 19.80
C SER B 76 -9.83 16.66 18.64
N VAL B 77 -8.52 16.43 18.49
CA VAL B 77 -7.98 15.71 17.35
C VAL B 77 -8.53 14.28 17.30
N THR B 78 -9.55 14.07 16.46
CA THR B 78 -10.16 12.75 16.32
C THR B 78 -10.84 12.68 14.95
N ALA B 79 -10.76 11.52 14.31
CA ALA B 79 -11.44 11.26 13.05
C ALA B 79 -12.41 10.10 13.25
N TYR B 80 -13.64 10.28 12.76
CA TYR B 80 -14.70 9.30 12.96
C TYR B 80 -15.15 8.72 11.64
N MET B 81 -15.68 7.49 11.70
CA MET B 81 -16.28 6.84 10.54
C MET B 81 -17.55 6.14 11.01
N GLN B 82 -18.70 6.59 10.53
CA GLN B 82 -20.00 6.07 10.95
C GLN B 82 -20.44 5.00 9.96
N LEU B 83 -20.30 3.74 10.36
CA LEU B 83 -20.81 2.63 9.56
C LEU B 83 -22.32 2.48 9.78
N SER B 84 -23.01 2.09 8.72
CA SER B 84 -24.46 1.94 8.76
C SER B 84 -24.88 0.71 7.96
N SER B 85 -26.01 0.13 8.35
CA SER B 85 -26.56 -1.06 7.71
C SER B 85 -25.54 -2.19 7.68
N LEU B 86 -25.08 -2.56 8.88
CA LEU B 86 -24.02 -3.56 9.01
C LEU B 86 -24.56 -4.94 8.64
N THR B 87 -23.97 -5.54 7.61
CA THR B 87 -24.27 -6.90 7.21
C THR B 87 -23.12 -7.82 7.62
N SER B 88 -23.33 -9.13 7.43
CA SER B 88 -22.32 -10.11 7.82
C SER B 88 -21.03 -9.93 7.05
N GLU B 89 -21.07 -9.34 5.85
CA GLU B 89 -19.88 -9.11 5.05
C GLU B 89 -19.12 -7.84 5.45
N ASP B 90 -19.54 -7.17 6.52
CA ASP B 90 -18.86 -5.98 7.02
C ASP B 90 -17.88 -6.29 8.14
N SER B 91 -17.59 -7.57 8.39
CA SER B 91 -16.64 -7.96 9.41
C SER B 91 -15.23 -7.88 8.83
N ALA B 92 -14.48 -6.86 9.25
CA ALA B 92 -13.12 -6.65 8.75
C ALA B 92 -12.37 -5.78 9.74
N ILE B 93 -11.12 -5.47 9.41
CA ILE B 93 -10.27 -4.60 10.21
C ILE B 93 -10.15 -3.27 9.49
N TYR B 94 -10.47 -2.18 10.19
CA TYR B 94 -10.51 -0.85 9.60
C TYR B 94 -9.36 -0.02 10.15
N TYR B 95 -8.48 0.44 9.26
CA TYR B 95 -7.36 1.29 9.61
C TYR B 95 -7.64 2.73 9.17
N CYS B 96 -7.14 3.68 9.96
CA CYS B 96 -7.14 5.09 9.58
C CYS B 96 -5.69 5.52 9.35
N THR B 97 -5.45 6.20 8.23
CA THR B 97 -4.12 6.56 7.80
C THR B 97 -4.06 8.05 7.47
N ARG B 98 -2.86 8.62 7.59
CA ARG B 98 -2.60 10.00 7.21
C ARG B 98 -2.10 10.00 5.77
N GLU B 99 -3.00 10.32 4.84
CA GLU B 99 -2.65 10.28 3.42
C GLU B 99 -1.64 11.38 3.08
N GLY B 100 -0.88 11.14 2.01
CA GLY B 100 0.09 12.09 1.54
C GLY B 100 0.11 12.20 0.02
N ASN B 101 1.19 12.75 -0.53
CA ASN B 101 1.29 12.89 -1.98
C ASN B 101 1.67 11.58 -2.66
N TYR B 102 2.34 10.68 -1.94
CA TYR B 102 2.81 9.43 -2.51
C TYR B 102 2.19 8.20 -1.87
N GLY B 103 1.27 8.36 -0.95
CA GLY B 103 0.62 7.24 -0.30
C GLY B 103 0.21 7.61 1.12
N PHE B 104 0.29 6.62 2.01
CA PHE B 104 -0.09 6.82 3.40
C PHE B 104 1.14 6.95 4.28
N ALA B 105 1.90 5.85 4.42
CA ALA B 105 3.15 5.79 5.16
C ALA B 105 2.97 6.08 6.65
N TYR B 106 1.73 6.31 7.09
CA TYR B 106 1.44 6.57 8.50
C TYR B 106 0.09 5.93 8.80
N TRP B 107 0.12 4.71 9.35
CA TRP B 107 -1.07 3.92 9.59
C TRP B 107 -1.46 3.95 11.06
N GLY B 108 -2.70 3.54 11.33
CA GLY B 108 -3.21 3.44 12.68
C GLY B 108 -3.07 2.04 13.24
N GLN B 109 -3.57 1.88 14.46
CA GLN B 109 -3.47 0.59 15.14
C GLN B 109 -4.47 -0.41 14.57
N GLY B 110 -5.70 0.03 14.32
CA GLY B 110 -6.71 -0.83 13.74
C GLY B 110 -7.93 -1.03 14.62
N THR B 111 -9.08 -1.27 14.00
CA THR B 111 -10.33 -1.49 14.71
C THR B 111 -11.01 -2.71 14.11
N LEU B 112 -11.15 -3.76 14.92
CA LEU B 112 -11.80 -4.99 14.48
C LEU B 112 -13.30 -4.90 14.70
N VAL B 113 -14.08 -5.11 13.65
CA VAL B 113 -15.53 -5.06 13.70
C VAL B 113 -16.07 -6.44 13.40
N THR B 114 -16.94 -6.94 14.29
CA THR B 114 -17.60 -8.23 14.12
C THR B 114 -19.09 -8.04 14.37
N VAL B 115 -19.90 -8.61 13.48
CA VAL B 115 -21.36 -8.46 13.52
C VAL B 115 -21.99 -9.84 13.60
N SER B 116 -22.87 -10.02 14.60
CA SER B 116 -23.62 -11.25 14.78
C SER B 116 -24.61 -11.04 15.92
N ALA B 117 -25.62 -11.91 15.97
CA ALA B 117 -26.70 -11.80 16.94
C ALA B 117 -26.70 -12.93 17.96
N ALA B 118 -25.58 -13.63 18.12
CA ALA B 118 -25.50 -14.72 19.07
C ALA B 118 -25.04 -14.20 20.43
N LYS B 119 -25.62 -14.77 21.49
CA LYS B 119 -25.32 -14.34 22.85
C LYS B 119 -23.99 -14.90 23.31
N THR B 120 -23.53 -14.40 24.45
CA THR B 120 -22.26 -14.83 25.04
C THR B 120 -22.48 -16.16 25.76
N THR B 121 -21.87 -17.22 25.23
CA THR B 121 -22.01 -18.56 25.78
C THR B 121 -20.65 -19.11 26.20
N PRO B 122 -20.61 -19.96 27.22
CA PRO B 122 -19.34 -20.58 27.62
C PRO B 122 -18.96 -21.69 26.67
N PRO B 123 -17.67 -21.99 26.54
CA PRO B 123 -17.24 -23.04 25.62
C PRO B 123 -17.46 -24.44 26.18
N SER B 124 -17.64 -25.39 25.26
CA SER B 124 -17.76 -26.80 25.62
C SER B 124 -16.51 -27.51 25.10
N VAL B 125 -15.67 -27.98 26.02
CA VAL B 125 -14.42 -28.62 25.67
C VAL B 125 -14.56 -30.12 25.82
N TYR B 126 -13.80 -30.88 25.03
CA TYR B 126 -13.84 -32.32 25.04
C TYR B 126 -12.43 -32.83 24.75
N PRO B 127 -11.92 -33.76 25.56
CA PRO B 127 -10.62 -34.37 25.24
C PRO B 127 -10.72 -35.23 23.99
N LEU B 128 -9.56 -35.46 23.38
CA LEU B 128 -9.43 -36.23 22.15
C LEU B 128 -8.29 -37.22 22.35
N ALA B 129 -8.64 -38.47 22.67
CA ALA B 129 -7.75 -39.60 22.86
C ALA B 129 -7.73 -40.48 21.62
N PRO B 130 -6.59 -41.09 21.29
CA PRO B 130 -6.54 -41.93 20.09
C PRO B 130 -7.39 -43.19 20.18
N GLY B 131 -7.79 -43.59 21.38
CA GLY B 131 -8.59 -44.78 21.55
C GLY B 131 -7.76 -45.99 21.95
N SER B 132 -8.44 -47.00 22.49
CA SER B 132 -7.75 -48.21 22.92
C SER B 132 -7.23 -49.01 21.72
N ALA B 133 -8.04 -49.11 20.66
CA ALA B 133 -7.66 -49.83 19.45
C ALA B 133 -6.85 -48.89 18.56
N ALA B 134 -5.54 -48.86 18.79
CA ALA B 134 -4.65 -48.01 18.00
C ALA B 134 -3.25 -48.57 18.06
N GLN B 135 -2.41 -48.10 17.14
CA GLN B 135 -1.01 -48.52 17.06
C GLN B 135 -0.12 -47.34 17.45
N THR B 136 -0.10 -47.05 18.76
CA THR B 136 0.69 -45.95 19.29
C THR B 136 2.17 -46.28 19.14
N ASN B 137 2.83 -45.61 18.20
CA ASN B 137 4.25 -45.80 17.92
C ASN B 137 5.02 -44.58 18.42
N SER B 138 5.90 -44.81 19.39
CA SER B 138 6.77 -43.77 19.95
C SER B 138 5.96 -42.62 20.52
N MET B 139 5.45 -41.74 19.65
CA MET B 139 4.72 -40.56 20.07
C MET B 139 3.22 -40.79 19.94
N VAL B 140 2.46 -40.25 20.89
CA VAL B 140 1.01 -40.31 20.88
C VAL B 140 0.47 -38.89 20.88
N THR B 141 -0.47 -38.61 19.98
CA THR B 141 -1.03 -37.28 19.82
C THR B 141 -2.37 -37.18 20.55
N LEU B 142 -2.50 -36.15 21.38
CA LEU B 142 -3.72 -35.87 22.13
C LEU B 142 -4.30 -34.54 21.68
N GLY B 143 -5.60 -34.38 21.89
CA GLY B 143 -6.28 -33.17 21.47
C GLY B 143 -7.23 -32.66 22.54
N CYS B 144 -7.62 -31.38 22.37
CA CYS B 144 -8.51 -30.69 23.31
C CYS B 144 -9.46 -29.82 22.49
N LEU B 145 -10.53 -30.44 21.98
CA LEU B 145 -11.42 -29.76 21.04
C LEU B 145 -12.43 -28.90 21.79
N VAL B 146 -12.49 -27.61 21.43
CA VAL B 146 -13.37 -26.65 22.08
C VAL B 146 -14.39 -26.20 21.06
N LYS B 147 -15.65 -26.60 21.26
CA LYS B 147 -16.73 -26.24 20.36
C LYS B 147 -17.76 -25.41 21.11
N GLY B 148 -18.46 -24.53 20.39
CA GLY B 148 -19.63 -23.91 20.96
C GLY B 148 -19.30 -22.81 21.93
N TYR B 149 -18.57 -21.80 21.44
CA TYR B 149 -18.30 -20.58 22.18
C TYR B 149 -18.37 -19.43 21.19
N PHE B 150 -18.70 -18.24 21.69
CA PHE B 150 -18.77 -17.12 20.77
C PHE B 150 -17.56 -16.22 21.01
N PRO B 151 -17.70 -14.93 21.45
CA PRO B 151 -16.66 -13.92 21.14
C PRO B 151 -15.58 -14.35 20.18
N GLU B 152 -14.35 -14.49 20.70
CA GLU B 152 -13.16 -14.78 19.90
C GLU B 152 -11.95 -15.15 20.76
N PRO B 153 -11.60 -14.41 21.82
CA PRO B 153 -10.40 -14.77 22.58
C PRO B 153 -10.62 -16.00 23.46
N VAL B 154 -9.75 -16.99 23.32
CA VAL B 154 -9.74 -18.15 24.19
C VAL B 154 -8.30 -18.65 24.27
N THR B 155 -7.78 -18.81 25.48
CA THR B 155 -6.43 -19.32 25.65
C THR B 155 -6.47 -20.79 26.03
N VAL B 156 -5.54 -21.56 25.50
CA VAL B 156 -5.43 -22.99 25.79
C VAL B 156 -3.98 -23.27 26.16
N THR B 157 -3.77 -23.94 27.30
CA THR B 157 -2.44 -24.22 27.80
C THR B 157 -2.39 -25.65 28.32
N TRP B 158 -1.35 -26.39 27.94
CA TRP B 158 -1.21 -27.77 28.37
C TRP B 158 -0.40 -27.82 29.66
N ASN B 159 -0.96 -28.50 30.67
CA ASN B 159 -0.34 -28.65 31.99
C ASN B 159 0.04 -27.28 32.57
N SER B 160 -0.93 -26.36 32.52
CA SER B 160 -0.76 -24.99 33.01
C SER B 160 0.41 -24.29 32.32
N GLY B 161 0.68 -24.64 31.06
CA GLY B 161 1.69 -23.97 30.27
C GLY B 161 3.09 -24.54 30.39
N SER B 162 3.29 -25.57 31.21
CA SER B 162 4.63 -26.14 31.37
C SER B 162 5.06 -26.92 30.14
N LEU B 163 4.12 -27.41 29.33
CA LEU B 163 4.42 -28.20 28.13
C LEU B 163 3.86 -27.44 26.93
N SER B 164 4.70 -26.63 26.30
CA SER B 164 4.31 -25.83 25.15
C SER B 164 5.00 -26.23 23.86
N SER B 165 6.03 -27.06 23.92
CA SER B 165 6.73 -27.49 22.72
C SER B 165 5.94 -28.58 22.00
N GLY B 166 5.88 -28.48 20.68
CA GLY B 166 5.09 -29.42 19.89
C GLY B 166 3.60 -29.22 19.97
N VAL B 167 3.14 -28.06 20.43
CA VAL B 167 1.72 -27.76 20.56
C VAL B 167 1.27 -26.98 19.33
N HIS B 168 0.16 -27.40 18.74
CA HIS B 168 -0.42 -26.74 17.58
C HIS B 168 -1.86 -26.35 17.90
N THR B 169 -2.12 -25.06 17.96
CA THR B 169 -3.46 -24.52 18.19
C THR B 169 -3.99 -23.95 16.88
N PHE B 170 -5.19 -24.38 16.49
CA PHE B 170 -5.77 -23.99 15.23
C PHE B 170 -6.69 -22.78 15.41
N PRO B 171 -6.76 -21.90 14.41
CA PRO B 171 -7.62 -20.73 14.53
C PRO B 171 -9.09 -21.10 14.61
N ALA B 172 -9.87 -20.17 15.17
CA ALA B 172 -11.28 -20.39 15.41
C ALA B 172 -12.07 -20.36 14.10
N VAL B 173 -13.11 -21.19 14.04
CA VAL B 173 -14.00 -21.27 12.88
C VAL B 173 -15.43 -21.13 13.39
N LEU B 174 -16.19 -20.20 12.80
CA LEU B 174 -17.57 -19.97 13.20
C LEU B 174 -18.47 -21.08 12.69
N GLN B 175 -19.34 -21.59 13.56
CA GLN B 175 -20.22 -22.70 13.20
C GLN B 175 -21.52 -22.55 13.97
N SER B 176 -22.63 -22.36 13.25
CA SER B 176 -23.96 -22.20 13.84
C SER B 176 -23.98 -21.01 14.81
N ASP B 177 -23.39 -19.90 14.36
CA ASP B 177 -23.25 -18.69 15.17
C ASP B 177 -22.53 -18.98 16.48
N LEU B 178 -21.57 -19.89 16.43
CA LEU B 178 -20.71 -20.21 17.57
C LEU B 178 -19.37 -20.68 17.03
N TYR B 179 -18.29 -20.19 17.61
CA TYR B 179 -17.00 -20.59 17.07
C TYR B 179 -16.59 -21.96 17.60
N THR B 180 -15.47 -22.46 17.07
CA THR B 180 -14.97 -23.78 17.39
C THR B 180 -13.52 -23.88 16.94
N LEU B 181 -12.68 -24.45 17.81
CA LEU B 181 -11.29 -24.73 17.47
C LEU B 181 -10.86 -26.02 18.14
N SER B 182 -9.58 -26.35 18.00
CA SER B 182 -9.00 -27.52 18.64
C SER B 182 -7.51 -27.30 18.80
N SER B 183 -6.93 -28.01 19.78
CA SER B 183 -5.51 -27.93 20.07
C SER B 183 -4.94 -29.35 20.12
N SER B 184 -3.75 -29.52 19.54
CA SER B 184 -3.10 -30.82 19.48
C SER B 184 -1.74 -30.75 20.16
N VAL B 185 -1.33 -31.88 20.72
CA VAL B 185 -0.03 -31.97 21.39
C VAL B 185 0.51 -33.38 21.20
N THR B 186 1.82 -33.48 20.95
CA THR B 186 2.49 -34.75 20.73
C THR B 186 3.37 -35.05 21.93
N VAL B 187 3.11 -36.17 22.60
CA VAL B 187 3.88 -36.58 23.76
C VAL B 187 4.37 -38.01 23.55
N PRO B 188 5.50 -38.40 24.15
CA PRO B 188 5.97 -39.78 23.99
C PRO B 188 5.07 -40.77 24.71
N SER B 189 5.08 -42.01 24.21
CA SER B 189 4.30 -43.07 24.85
C SER B 189 4.88 -43.47 26.20
N SER B 190 6.15 -43.20 26.46
CA SER B 190 6.75 -43.47 27.76
C SER B 190 6.25 -42.49 28.83
N THR B 191 5.61 -41.40 28.43
CA THR B 191 5.06 -40.43 29.37
C THR B 191 3.55 -40.53 29.53
N TRP B 192 2.83 -40.85 28.46
CA TRP B 192 1.39 -40.99 28.49
C TRP B 192 0.99 -42.40 28.05
N PRO B 193 0.03 -43.03 28.74
CA PRO B 193 -0.72 -42.51 29.88
C PRO B 193 -0.03 -42.71 31.23
N SER B 194 1.31 -42.81 31.22
CA SER B 194 2.04 -42.95 32.48
C SER B 194 1.90 -41.69 33.34
N GLU B 195 1.93 -40.52 32.71
CA GLU B 195 1.74 -39.25 33.40
C GLU B 195 0.46 -38.59 32.87
N THR B 196 -0.23 -37.89 33.76
CA THR B 196 -1.46 -37.20 33.38
C THR B 196 -1.16 -36.02 32.45
N VAL B 197 -2.03 -35.83 31.47
CA VAL B 197 -1.94 -34.72 30.54
C VAL B 197 -3.26 -33.95 30.60
N THR B 198 -3.17 -32.66 30.91
CA THR B 198 -4.35 -31.84 31.14
C THR B 198 -4.28 -30.59 30.26
N CYS B 199 -5.40 -30.26 29.62
CA CYS B 199 -5.54 -28.99 28.91
C CYS B 199 -6.41 -28.04 29.71
N ASN B 200 -5.94 -26.81 29.88
CA ASN B 200 -6.63 -25.77 30.61
C ASN B 200 -7.04 -24.70 29.60
N VAL B 201 -8.35 -24.52 29.43
CA VAL B 201 -8.91 -23.55 28.52
C VAL B 201 -9.54 -22.43 29.35
N ALA B 202 -9.13 -21.20 29.08
CA ALA B 202 -9.68 -20.04 29.76
C ALA B 202 -10.32 -19.11 28.74
N HIS B 203 -11.57 -18.72 29.04
CA HIS B 203 -12.36 -17.82 28.23
C HIS B 203 -12.53 -16.51 28.99
N PRO B 204 -11.84 -15.43 28.59
CA PRO B 204 -11.93 -14.17 29.35
C PRO B 204 -13.20 -13.40 29.12
N ALA B 205 -14.02 -13.76 28.13
CA ALA B 205 -15.27 -13.05 27.92
C ALA B 205 -16.32 -13.49 28.92
N SER B 206 -16.62 -14.78 28.96
CA SER B 206 -17.51 -15.34 29.97
C SER B 206 -16.81 -15.53 31.32
N SER B 207 -15.50 -15.25 31.39
CA SER B 207 -14.71 -15.38 32.61
C SER B 207 -14.81 -16.79 33.18
N THR B 208 -14.44 -17.76 32.35
CA THR B 208 -14.50 -19.17 32.73
C THR B 208 -13.14 -19.83 32.55
N LYS B 209 -12.92 -20.90 33.31
CA LYS B 209 -11.69 -21.66 33.23
C LYS B 209 -12.02 -23.14 33.46
N VAL B 210 -11.58 -24.00 32.55
CA VAL B 210 -11.87 -25.42 32.60
C VAL B 210 -10.58 -26.19 32.40
N ASP B 211 -10.25 -27.08 33.35
CA ASP B 211 -9.06 -27.92 33.29
C ASP B 211 -9.52 -29.37 33.14
N LYS B 212 -9.27 -29.96 31.97
CA LYS B 212 -9.72 -31.31 31.68
C LYS B 212 -8.53 -32.19 31.32
N LYS B 213 -8.46 -33.35 31.96
CA LYS B 213 -7.41 -34.33 31.66
C LYS B 213 -7.82 -35.18 30.48
N ILE B 214 -6.82 -35.70 29.78
CA ILE B 214 -7.03 -36.59 28.64
C ILE B 214 -6.90 -38.03 29.15
N VAL B 215 -8.00 -38.77 29.06
CA VAL B 215 -8.05 -40.16 29.53
C VAL B 215 -8.34 -41.08 28.36
N PRO B 216 -7.78 -42.30 28.34
CA PRO B 216 -8.01 -43.27 27.25
C PRO B 216 -9.49 -43.66 27.13
N ASP C 1 -11.84 1.42 -10.75
CA ASP C 1 -11.32 1.86 -12.04
C ASP C 1 -10.01 1.15 -12.38
N ILE C 2 -8.96 1.47 -11.63
CA ILE C 2 -7.64 0.89 -11.88
C ILE C 2 -7.55 -0.46 -11.17
N VAL C 3 -7.11 -1.48 -11.90
CA VAL C 3 -6.97 -2.83 -11.37
C VAL C 3 -5.49 -3.10 -11.13
N MET C 4 -5.17 -3.63 -9.95
CA MET C 4 -3.80 -3.94 -9.56
C MET C 4 -3.67 -5.45 -9.42
N THR C 5 -3.02 -6.07 -10.39
CA THR C 5 -2.80 -7.51 -10.40
C THR C 5 -1.40 -7.82 -9.88
N GLN C 6 -1.33 -8.52 -8.75
CA GLN C 6 -0.05 -8.87 -8.14
C GLN C 6 0.31 -10.30 -8.50
N SER C 7 1.60 -10.53 -8.77
CA SER C 7 2.10 -11.84 -9.17
C SER C 7 3.43 -12.10 -8.47
N PRO C 8 3.67 -13.34 -8.03
CA PRO C 8 2.72 -14.46 -8.13
C PRO C 8 1.76 -14.51 -6.94
N SER C 9 1.16 -15.68 -6.72
CA SER C 9 0.24 -15.84 -5.60
C SER C 9 1.00 -15.83 -4.27
N SER C 10 1.92 -16.78 -4.09
CA SER C 10 2.72 -16.85 -2.88
C SER C 10 3.95 -17.70 -3.18
N LEU C 11 5.12 -17.07 -3.13
CA LEU C 11 6.38 -17.77 -3.37
C LEU C 11 7.11 -17.99 -2.05
N ALA C 12 7.86 -19.10 -1.99
CA ALA C 12 8.61 -19.48 -0.80
C ALA C 12 10.05 -19.77 -1.23
N MET C 13 10.94 -18.81 -1.02
CA MET C 13 12.35 -18.95 -1.35
C MET C 13 13.19 -18.86 -0.09
N SER C 14 14.37 -19.49 -0.14
CA SER C 14 15.26 -19.50 1.01
C SER C 14 15.87 -18.11 1.22
N VAL C 15 16.42 -17.92 2.43
CA VAL C 15 17.02 -16.63 2.78
C VAL C 15 18.34 -16.45 2.05
N GLY C 16 18.71 -15.21 1.83
CA GLY C 16 19.98 -14.89 1.18
C GLY C 16 19.85 -14.54 -0.29
N GLN C 17 19.07 -15.32 -1.03
CA GLN C 17 18.94 -15.09 -2.46
C GLN C 17 17.89 -14.02 -2.74
N LYS C 18 17.89 -13.54 -3.98
CA LYS C 18 17.04 -12.43 -4.39
C LYS C 18 15.69 -12.94 -4.88
N VAL C 19 14.61 -12.32 -4.40
CA VAL C 19 13.26 -12.65 -4.83
C VAL C 19 12.68 -11.42 -5.53
N THR C 20 11.64 -11.66 -6.33
CA THR C 20 11.03 -10.62 -7.13
C THR C 20 9.51 -10.71 -7.05
N LEU C 21 8.86 -9.56 -7.08
CA LEU C 21 7.40 -9.45 -7.09
C LEU C 21 6.98 -8.51 -8.20
N SER C 22 5.94 -8.88 -8.93
CA SER C 22 5.46 -8.11 -10.06
C SER C 22 4.11 -7.48 -9.75
N CYS C 23 3.82 -6.36 -10.42
CA CYS C 23 2.55 -5.65 -10.25
C CYS C 23 2.15 -5.05 -11.58
N LYS C 24 0.94 -5.37 -12.03
CA LYS C 24 0.41 -4.89 -13.30
C LYS C 24 -0.78 -3.98 -13.05
N SER C 25 -0.85 -2.88 -13.79
CA SER C 25 -1.91 -1.90 -13.69
C SER C 25 -2.76 -1.89 -14.95
N SER C 26 -4.05 -1.58 -14.78
CA SER C 26 -4.96 -1.55 -15.92
C SER C 26 -4.72 -0.34 -16.82
N GLN C 27 -4.09 0.71 -16.30
CA GLN C 27 -3.78 1.89 -17.09
C GLN C 27 -2.44 2.45 -16.63
N SER C 28 -1.96 3.46 -17.36
CA SER C 28 -0.66 4.05 -17.07
C SER C 28 -0.70 4.83 -15.76
N LEU C 29 0.28 4.59 -14.90
CA LEU C 29 0.42 5.30 -13.64
C LEU C 29 1.55 6.31 -13.67
N LEU C 30 2.15 6.55 -14.83
CA LEU C 30 3.27 7.48 -14.96
C LEU C 30 2.74 8.85 -15.33
N ASN C 31 3.04 9.84 -14.49
CA ASN C 31 2.64 11.22 -14.77
C ASN C 31 3.61 11.85 -15.77
N SER C 32 3.05 12.56 -16.75
CA SER C 32 3.89 13.23 -17.74
C SER C 32 4.73 14.32 -17.09
N ILE C 33 4.08 15.24 -16.39
CA ILE C 33 4.80 16.26 -15.63
C ILE C 33 5.27 15.65 -14.32
N ASN C 34 6.50 15.99 -13.92
CA ASN C 34 7.15 15.41 -12.74
C ASN C 34 7.15 13.88 -12.85
N GLN C 35 7.96 13.40 -13.80
CA GLN C 35 7.97 12.02 -14.23
C GLN C 35 8.17 11.04 -13.08
N LYS C 36 7.08 10.68 -12.39
CA LYS C 36 7.09 9.66 -11.37
C LYS C 36 5.88 8.77 -11.53
N ASN C 37 6.03 7.50 -11.15
CA ASN C 37 4.95 6.52 -11.21
C ASN C 37 4.26 6.46 -9.86
N TYR C 38 3.03 6.97 -9.79
CA TYR C 38 2.28 7.00 -8.53
C TYR C 38 1.89 5.58 -8.15
N LEU C 39 2.81 4.90 -7.48
CA LEU C 39 2.61 3.54 -7.01
C LEU C 39 3.44 3.33 -5.75
N ALA C 40 2.88 2.62 -4.78
CA ALA C 40 3.53 2.40 -3.50
C ALA C 40 3.49 0.92 -3.14
N TRP C 41 4.57 0.45 -2.51
CA TRP C 41 4.67 -0.91 -2.01
C TRP C 41 4.59 -0.91 -0.49
N TYR C 42 3.70 -1.74 0.04
CA TYR C 42 3.46 -1.83 1.48
C TYR C 42 3.78 -3.23 1.99
N GLN C 43 4.31 -3.30 3.20
CA GLN C 43 4.62 -4.56 3.87
C GLN C 43 3.87 -4.62 5.19
N GLN C 44 3.22 -5.74 5.45
CA GLN C 44 2.41 -5.93 6.66
C GLN C 44 2.89 -7.18 7.37
N LYS C 45 3.47 -7.01 8.57
CA LYS C 45 3.90 -8.15 9.35
C LYS C 45 2.69 -9.01 9.75
N PRO C 46 2.90 -10.30 9.99
CA PRO C 46 1.77 -11.17 10.38
C PRO C 46 1.03 -10.68 11.61
N GLY C 47 -0.22 -10.27 11.43
CA GLY C 47 -1.03 -9.77 12.53
C GLY C 47 -0.58 -8.40 13.02
N GLN C 48 -0.47 -7.45 12.12
CA GLN C 48 -0.04 -6.10 12.46
C GLN C 48 -0.53 -5.15 11.37
N SER C 49 -0.12 -3.89 11.45
CA SER C 49 -0.49 -2.87 10.47
C SER C 49 0.54 -2.80 9.35
N PRO C 50 0.09 -2.50 8.13
CA PRO C 50 1.05 -2.39 7.01
C PRO C 50 1.91 -1.15 7.13
N LYS C 51 3.17 -1.29 6.70
CA LYS C 51 4.11 -0.18 6.64
C LYS C 51 4.61 0.00 5.21
N MET C 52 4.69 1.25 4.78
CA MET C 52 5.15 1.55 3.43
C MET C 52 6.66 1.34 3.31
N LEU C 53 7.07 0.70 2.21
CA LEU C 53 8.48 0.49 1.91
C LEU C 53 8.99 1.37 0.78
N VAL C 54 8.26 1.43 -0.33
CA VAL C 54 8.68 2.15 -1.53
C VAL C 54 7.50 2.96 -2.04
N TYR C 55 7.73 4.25 -2.30
CA TYR C 55 6.71 5.12 -2.87
C TYR C 55 7.27 5.80 -4.11
N PHE C 56 6.38 6.04 -5.08
CA PHE C 56 6.74 6.55 -6.41
C PHE C 56 7.54 5.53 -7.21
N ALA C 57 7.29 4.25 -6.98
CA ALA C 57 7.90 3.14 -7.73
C ALA C 57 9.42 3.12 -7.62
N SER C 58 9.99 3.85 -6.66
CA SER C 58 11.43 3.92 -6.43
C SER C 58 11.62 4.61 -5.09
N THR C 59 12.85 5.04 -4.81
CA THR C 59 13.17 5.83 -3.62
C THR C 59 12.60 5.24 -2.33
N ARG C 60 13.36 4.35 -1.70
CA ARG C 60 12.88 3.64 -0.53
C ARG C 60 12.57 4.59 0.62
N GLU C 61 11.71 4.13 1.53
CA GLU C 61 11.37 4.89 2.72
C GLU C 61 12.52 4.86 3.72
N SER C 62 12.66 5.94 4.47
CA SER C 62 13.70 6.02 5.49
C SER C 62 13.48 4.94 6.54
N GLY C 63 14.55 4.24 6.90
CA GLY C 63 14.49 3.13 7.82
C GLY C 63 14.41 1.77 7.18
N VAL C 64 14.21 1.72 5.87
CA VAL C 64 14.12 0.46 5.12
C VAL C 64 15.49 0.18 4.51
N PRO C 65 16.02 -1.03 4.64
CA PRO C 65 17.34 -1.32 4.06
C PRO C 65 17.33 -1.21 2.54
N ASP C 66 18.52 -1.04 1.98
CA ASP C 66 18.69 -0.84 0.54
C ASP C 66 18.45 -2.09 -0.27
N ARG C 67 18.19 -3.24 0.37
CA ARG C 67 17.93 -4.45 -0.39
C ARG C 67 16.61 -4.39 -1.15
N PHE C 68 15.65 -3.61 -0.65
CA PHE C 68 14.36 -3.46 -1.31
C PHE C 68 14.51 -2.46 -2.46
N ILE C 69 14.49 -2.96 -3.69
CA ILE C 69 14.66 -2.13 -4.88
C ILE C 69 13.37 -2.14 -5.68
N GLY C 70 12.80 -0.96 -5.91
CA GLY C 70 11.59 -0.82 -6.70
C GLY C 70 11.92 -0.21 -8.06
N SER C 71 11.41 -0.85 -9.10
CA SER C 71 11.63 -0.41 -10.47
C SER C 71 10.36 -0.64 -11.28
N GLY C 72 10.41 -0.27 -12.55
CA GLY C 72 9.28 -0.43 -13.45
C GLY C 72 8.73 0.92 -13.89
N SER C 73 7.75 0.83 -14.78
CA SER C 73 7.14 2.03 -15.36
C SER C 73 5.84 1.62 -16.05
N GLY C 74 5.14 2.63 -16.57
CA GLY C 74 3.90 2.43 -17.32
C GLY C 74 2.87 1.63 -16.56
N THR C 75 2.78 0.33 -16.87
CA THR C 75 1.85 -0.57 -16.21
C THR C 75 2.53 -1.72 -15.49
N ASP C 76 3.82 -1.93 -15.69
CA ASP C 76 4.54 -3.06 -15.11
C ASP C 76 5.55 -2.53 -14.10
N PHE C 77 5.45 -3.01 -12.86
CA PHE C 77 6.34 -2.60 -11.79
C PHE C 77 6.88 -3.83 -11.07
N THR C 78 8.06 -3.69 -10.47
CA THR C 78 8.77 -4.81 -9.88
C THR C 78 9.39 -4.38 -8.56
N LEU C 79 9.34 -5.27 -7.57
CA LEU C 79 9.98 -5.06 -6.28
C LEU C 79 10.88 -6.26 -6.01
N THR C 80 12.18 -6.01 -5.86
CA THR C 80 13.17 -7.06 -5.70
C THR C 80 13.84 -6.94 -4.33
N ILE C 81 14.09 -8.10 -3.72
CA ILE C 81 14.78 -8.20 -2.44
C ILE C 81 16.06 -8.99 -2.69
N SER C 82 17.21 -8.33 -2.57
CA SER C 82 18.48 -8.96 -2.92
C SER C 82 18.84 -10.07 -1.94
N SER C 83 18.73 -9.80 -0.64
CA SER C 83 19.08 -10.76 0.39
C SER C 83 17.92 -10.87 1.36
N VAL C 84 17.11 -11.92 1.20
CA VAL C 84 15.97 -12.14 2.08
C VAL C 84 16.48 -12.61 3.44
N GLN C 85 15.86 -12.11 4.51
CA GLN C 85 16.19 -12.55 5.86
C GLN C 85 14.93 -12.88 6.64
N ALA C 86 15.07 -13.15 7.94
CA ALA C 86 13.91 -13.52 8.75
C ALA C 86 12.97 -12.34 8.95
N GLU C 87 13.48 -11.11 8.88
CA GLU C 87 12.66 -9.92 9.07
C GLU C 87 11.91 -9.51 7.81
N ASP C 88 11.89 -10.34 6.78
CA ASP C 88 11.18 -10.05 5.54
C ASP C 88 9.97 -10.97 5.32
N LEU C 89 9.66 -11.85 6.26
CA LEU C 89 8.53 -12.76 6.14
C LEU C 89 7.25 -11.99 6.42
N ALA C 90 6.54 -11.61 5.36
CA ALA C 90 5.30 -10.86 5.45
C ALA C 90 4.61 -10.94 4.08
N ASP C 91 3.57 -10.15 3.90
CA ASP C 91 2.89 -10.02 2.61
C ASP C 91 2.99 -8.58 2.12
N TYR C 92 3.19 -8.42 0.83
CA TYR C 92 3.43 -7.12 0.22
C TYR C 92 2.28 -6.79 -0.74
N PHE C 93 1.94 -5.50 -0.81
CA PHE C 93 0.86 -5.02 -1.66
C PHE C 93 1.36 -3.85 -2.49
N CYS C 94 0.85 -3.74 -3.71
CA CYS C 94 1.12 -2.58 -4.56
C CYS C 94 -0.17 -1.79 -4.74
N GLN C 95 -0.11 -0.49 -4.44
CA GLN C 95 -1.28 0.38 -4.45
C GLN C 95 -1.01 1.58 -5.36
N GLN C 96 -1.96 1.89 -6.22
CA GLN C 96 -1.86 3.05 -7.10
C GLN C 96 -2.39 4.28 -6.39
N HIS C 97 -1.67 5.38 -6.53
CA HIS C 97 -2.00 6.65 -5.90
C HIS C 97 -2.21 7.73 -6.95
N TYR C 98 -2.82 7.36 -8.07
CA TYR C 98 -2.97 8.25 -9.22
C TYR C 98 -4.41 8.64 -9.49
N SER C 99 -5.36 7.71 -9.33
CA SER C 99 -6.76 7.98 -9.62
C SER C 99 -7.64 7.46 -8.49
N THR C 100 -8.87 7.96 -8.46
CA THR C 100 -9.90 7.56 -7.51
C THR C 100 -10.88 6.60 -8.18
N PRO C 101 -11.28 5.52 -7.50
CA PRO C 101 -10.86 5.17 -6.14
C PRO C 101 -9.48 4.51 -6.09
N LEU C 102 -8.77 4.73 -4.98
CA LEU C 102 -7.47 4.08 -4.79
C LEU C 102 -7.67 2.57 -4.64
N THR C 103 -6.88 1.80 -5.37
CA THR C 103 -7.01 0.36 -5.38
C THR C 103 -5.68 -0.30 -5.01
N PHE C 104 -5.77 -1.43 -4.33
CA PHE C 104 -4.62 -2.22 -3.91
C PHE C 104 -4.51 -3.48 -4.76
N GLY C 105 -3.46 -4.25 -4.52
CA GLY C 105 -3.29 -5.53 -5.16
C GLY C 105 -3.80 -6.67 -4.30
N ALA C 106 -3.85 -7.86 -4.91
CA ALA C 106 -4.30 -9.04 -4.18
C ALA C 106 -3.34 -9.40 -3.05
N GLY C 107 -2.06 -9.13 -3.22
CA GLY C 107 -1.09 -9.41 -2.18
C GLY C 107 -0.35 -10.72 -2.37
N THR C 108 0.97 -10.67 -2.35
CA THR C 108 1.82 -11.86 -2.46
C THR C 108 2.37 -12.20 -1.09
N LYS C 109 2.13 -13.44 -0.66
CA LYS C 109 2.58 -13.90 0.66
C LYS C 109 3.95 -14.53 0.55
N LEU C 110 4.85 -14.13 1.45
CA LEU C 110 6.23 -14.63 1.46
C LEU C 110 6.37 -15.70 2.53
N GLU C 111 6.81 -16.88 2.13
CA GLU C 111 7.08 -17.99 3.03
C GLU C 111 8.55 -18.38 2.94
N LEU C 112 8.95 -19.35 3.75
CA LEU C 112 10.32 -19.83 3.79
C LEU C 112 10.42 -21.17 3.07
N LYS C 113 11.43 -21.30 2.22
CA LYS C 113 11.61 -22.53 1.45
C LYS C 113 12.13 -23.65 2.33
N ARG C 114 11.69 -24.87 2.03
CA ARG C 114 12.06 -26.04 2.82
C ARG C 114 12.00 -27.26 1.92
N ALA C 115 12.33 -28.42 2.50
CA ALA C 115 12.20 -29.70 1.83
C ALA C 115 10.83 -30.29 2.10
N ASP C 116 10.38 -31.14 1.18
CA ASP C 116 9.06 -31.74 1.30
C ASP C 116 9.00 -32.67 2.51
N ALA C 117 7.90 -32.57 3.26
CA ALA C 117 7.71 -33.38 4.46
C ALA C 117 6.27 -33.90 4.47
N ALA C 118 6.12 -35.20 4.69
CA ALA C 118 4.79 -35.79 4.70
C ALA C 118 4.04 -35.40 5.96
N PRO C 119 2.73 -35.19 5.89
CA PRO C 119 1.97 -34.82 7.09
C PRO C 119 1.79 -35.99 8.03
N THR C 120 1.65 -35.67 9.31
CA THR C 120 1.41 -36.67 10.36
C THR C 120 -0.09 -36.75 10.58
N VAL C 121 -0.73 -37.73 9.94
CA VAL C 121 -2.18 -37.88 10.00
C VAL C 121 -2.54 -38.74 11.20
N SER C 122 -3.51 -38.27 12.00
CA SER C 122 -4.00 -39.01 13.16
C SER C 122 -5.47 -38.70 13.34
N ILE C 123 -6.31 -39.73 13.29
CA ILE C 123 -7.74 -39.58 13.41
C ILE C 123 -8.15 -39.86 14.86
N PHE C 124 -9.29 -39.30 15.26
CA PHE C 124 -9.77 -39.43 16.63
C PHE C 124 -11.28 -39.68 16.63
N PRO C 125 -11.75 -40.71 17.34
CA PRO C 125 -13.18 -40.96 17.43
C PRO C 125 -13.85 -39.97 18.38
N PRO C 126 -15.17 -39.83 18.30
CA PRO C 126 -15.86 -38.91 19.21
C PRO C 126 -15.71 -39.34 20.67
N SER C 127 -15.76 -38.36 21.56
CA SER C 127 -15.60 -38.62 22.99
C SER C 127 -16.89 -39.20 23.58
N SER C 128 -16.77 -39.69 24.81
CA SER C 128 -17.92 -40.27 25.50
C SER C 128 -18.85 -39.18 26.02
N GLU C 129 -18.30 -38.14 26.64
CA GLU C 129 -19.11 -37.04 27.15
C GLU C 129 -19.78 -36.25 26.03
N GLN C 130 -19.22 -36.29 24.82
CA GLN C 130 -19.83 -35.59 23.70
C GLN C 130 -21.11 -36.28 23.24
N LEU C 131 -21.15 -37.62 23.33
CA LEU C 131 -22.34 -38.35 22.90
C LEU C 131 -23.50 -38.15 23.86
N THR C 132 -23.21 -38.09 25.17
CA THR C 132 -24.27 -37.91 26.15
C THR C 132 -24.87 -36.52 26.13
N SER C 133 -24.12 -35.52 25.62
CA SER C 133 -24.59 -34.14 25.55
C SER C 133 -24.17 -33.58 24.19
N GLY C 134 -25.02 -33.80 23.19
CA GLY C 134 -24.77 -33.32 21.84
C GLY C 134 -24.74 -34.46 20.84
N GLY C 135 -23.89 -34.32 19.84
CA GLY C 135 -23.76 -35.32 18.80
C GLY C 135 -22.40 -35.99 18.78
N ALA C 136 -21.89 -36.26 17.57
CA ALA C 136 -20.59 -36.91 17.39
C ALA C 136 -19.79 -36.15 16.36
N SER C 137 -18.52 -35.89 16.65
CA SER C 137 -17.64 -35.16 15.76
C SER C 137 -16.31 -35.90 15.66
N VAL C 138 -15.94 -36.30 14.44
CA VAL C 138 -14.67 -36.95 14.19
C VAL C 138 -13.60 -35.89 13.94
N VAL C 139 -12.40 -36.13 14.47
CA VAL C 139 -11.30 -35.17 14.38
C VAL C 139 -10.16 -35.83 13.62
N CYS C 140 -9.59 -35.09 12.66
CA CYS C 140 -8.45 -35.55 11.89
C CYS C 140 -7.41 -34.44 11.85
N PHE C 141 -6.16 -34.78 12.18
CA PHE C 141 -5.08 -33.80 12.26
C PHE C 141 -4.04 -34.09 11.20
N LEU C 142 -3.45 -33.02 10.66
CA LEU C 142 -2.33 -33.11 9.72
C LEU C 142 -1.28 -32.11 10.21
N ASN C 143 -0.21 -32.62 10.81
CA ASN C 143 0.77 -31.79 11.49
C ASN C 143 2.10 -31.83 10.76
N ASN C 144 2.71 -30.65 10.61
CA ASN C 144 4.07 -30.50 10.08
C ASN C 144 4.21 -31.11 8.69
N PHE C 145 3.76 -30.38 7.66
CA PHE C 145 3.92 -30.80 6.28
C PHE C 145 4.34 -29.62 5.43
N TYR C 146 5.07 -29.90 4.36
CA TYR C 146 5.54 -28.88 3.44
C TYR C 146 5.41 -29.42 2.03
N PRO C 147 4.87 -28.62 1.08
CA PRO C 147 4.40 -27.25 1.31
C PRO C 147 2.98 -27.19 1.86
N LYS C 148 2.39 -25.99 1.84
CA LYS C 148 1.03 -25.81 2.35
C LYS C 148 -0.03 -26.43 1.44
N ASP C 149 0.33 -26.81 0.22
CA ASP C 149 -0.63 -27.40 -0.71
C ASP C 149 -1.06 -28.77 -0.19
N ILE C 150 -2.30 -28.87 0.27
CA ILE C 150 -2.83 -30.10 0.84
C ILE C 150 -4.34 -30.10 0.68
N ASN C 151 -4.91 -31.29 0.50
CA ASN C 151 -6.35 -31.45 0.37
C ASN C 151 -6.78 -32.67 1.18
N VAL C 152 -7.90 -32.53 1.88
CA VAL C 152 -8.45 -33.60 2.71
C VAL C 152 -9.74 -34.11 2.08
N LYS C 153 -9.99 -35.40 2.24
CA LYS C 153 -11.19 -36.04 1.70
C LYS C 153 -11.61 -37.18 2.62
N TRP C 154 -12.86 -37.15 3.05
CA TRP C 154 -13.42 -38.16 3.94
C TRP C 154 -14.14 -39.24 3.14
N LYS C 155 -14.55 -40.29 3.85
CA LYS C 155 -15.31 -41.38 3.26
C LYS C 155 -15.94 -42.19 4.38
N ILE C 156 -17.24 -42.47 4.25
CA ILE C 156 -17.97 -43.22 5.26
C ILE C 156 -18.38 -44.57 4.67
N ASP C 157 -17.49 -45.55 4.76
CA ASP C 157 -17.67 -46.90 4.23
C ASP C 157 -18.37 -46.89 2.87
N GLY C 158 -17.76 -46.19 1.93
CA GLY C 158 -18.29 -46.10 0.58
C GLY C 158 -18.86 -44.74 0.24
N SER C 159 -19.70 -44.21 1.12
CA SER C 159 -20.33 -42.92 0.90
C SER C 159 -19.32 -41.80 1.18
N GLU C 160 -19.68 -40.60 0.72
CA GLU C 160 -18.83 -39.42 0.89
C GLU C 160 -19.68 -38.17 0.74
N ARG C 161 -19.44 -37.19 1.61
CA ARG C 161 -20.18 -35.94 1.57
C ARG C 161 -19.34 -34.85 2.21
N GLN C 162 -19.49 -33.63 1.70
CA GLN C 162 -18.80 -32.46 2.21
C GLN C 162 -19.59 -31.74 3.29
N ASN C 163 -20.77 -32.23 3.65
CA ASN C 163 -21.58 -31.58 4.68
C ASN C 163 -20.98 -31.81 6.05
N GLY C 164 -20.85 -30.74 6.83
CA GLY C 164 -20.27 -30.84 8.16
C GLY C 164 -18.77 -31.06 8.17
N VAL C 165 -18.07 -30.61 7.13
CA VAL C 165 -16.63 -30.75 7.03
C VAL C 165 -16.03 -29.36 7.19
N LEU C 166 -15.55 -29.06 8.39
CA LEU C 166 -14.92 -27.77 8.69
C LEU C 166 -13.44 -28.00 8.93
N ASN C 167 -12.60 -27.39 8.09
CA ASN C 167 -11.17 -27.52 8.19
C ASN C 167 -10.57 -26.24 8.80
N SER C 168 -9.28 -26.33 9.16
CA SER C 168 -8.59 -25.20 9.75
C SER C 168 -7.11 -25.34 9.44
N TRP C 169 -6.57 -24.41 8.65
CA TRP C 169 -5.17 -24.39 8.29
C TRP C 169 -4.42 -23.39 9.16
N THR C 170 -3.20 -23.76 9.56
CA THR C 170 -2.34 -22.89 10.33
C THR C 170 -1.36 -22.16 9.41
N ASP C 171 -0.73 -21.13 9.95
CA ASP C 171 0.29 -20.40 9.23
C ASP C 171 1.61 -21.16 9.33
N GLN C 172 2.66 -20.61 8.70
CA GLN C 172 3.97 -21.23 8.76
C GLN C 172 4.55 -21.07 10.16
N ASP C 173 5.07 -22.15 10.71
CA ASP C 173 5.61 -22.12 12.07
C ASP C 173 6.82 -21.19 12.15
N SER C 174 6.97 -20.56 13.32
CA SER C 174 8.09 -19.66 13.59
C SER C 174 9.30 -20.39 14.15
N LYS C 175 9.36 -21.72 13.97
CA LYS C 175 10.48 -22.50 14.47
C LYS C 175 10.99 -23.45 13.41
N ASP C 176 10.15 -24.42 13.02
CA ASP C 176 10.51 -25.39 11.99
C ASP C 176 9.97 -25.03 10.61
N SER C 177 9.20 -23.95 10.50
CA SER C 177 8.70 -23.45 9.22
C SER C 177 7.86 -24.50 8.49
N THR C 178 6.97 -25.14 9.24
CA THR C 178 6.06 -26.15 8.69
C THR C 178 4.62 -25.68 8.82
N TYR C 179 3.72 -26.43 8.19
CA TYR C 179 2.30 -26.13 8.19
C TYR C 179 1.53 -27.28 8.83
N SER C 180 0.44 -26.92 9.52
CA SER C 180 -0.44 -27.89 10.14
C SER C 180 -1.87 -27.67 9.65
N MET C 181 -2.70 -28.69 9.86
CA MET C 181 -4.08 -28.63 9.39
C MET C 181 -4.94 -29.57 10.22
N SER C 182 -6.16 -29.14 10.53
CA SER C 182 -7.13 -29.95 11.23
C SER C 182 -8.41 -30.06 10.40
N SER C 183 -9.23 -31.04 10.75
CA SER C 183 -10.49 -31.29 10.05
C SER C 183 -11.46 -31.96 11.00
N THR C 184 -12.70 -31.49 11.00
CA THR C 184 -13.75 -32.01 11.87
C THR C 184 -14.93 -32.50 11.05
N LEU C 185 -15.56 -33.58 11.53
CA LEU C 185 -16.75 -34.16 10.91
C LEU C 185 -17.89 -34.05 11.92
N THR C 186 -18.45 -32.85 12.05
CA THR C 186 -19.52 -32.60 13.02
C THR C 186 -20.79 -33.32 12.57
N LEU C 187 -21.23 -34.30 13.34
CA LEU C 187 -22.47 -35.02 13.07
C LEU C 187 -23.31 -35.10 14.34
N THR C 188 -24.40 -35.86 14.30
CA THR C 188 -25.21 -36.11 15.46
C THR C 188 -25.10 -37.57 15.88
N LYS C 189 -25.50 -37.85 17.13
CA LYS C 189 -25.45 -39.21 17.65
C LYS C 189 -26.38 -40.15 16.90
N ASP C 190 -27.41 -39.62 16.23
CA ASP C 190 -28.40 -40.44 15.55
C ASP C 190 -27.78 -41.19 14.38
N GLU C 191 -27.39 -40.47 13.33
CA GLU C 191 -26.88 -41.09 12.12
C GLU C 191 -25.43 -41.55 12.24
N TYR C 192 -24.83 -41.48 13.43
CA TYR C 192 -23.48 -41.97 13.64
C TYR C 192 -23.44 -43.45 13.99
N GLU C 193 -24.50 -43.98 14.58
CA GLU C 193 -24.54 -45.38 15.00
C GLU C 193 -24.90 -46.32 13.86
N ARG C 194 -25.19 -45.81 12.67
CA ARG C 194 -25.60 -46.64 11.54
C ARG C 194 -24.51 -46.77 10.48
N HIS C 195 -23.26 -46.45 10.83
CA HIS C 195 -22.14 -46.62 9.93
C HIS C 195 -20.97 -47.22 10.71
N ASN C 196 -20.08 -47.89 9.98
CA ASN C 196 -18.97 -48.63 10.59
C ASN C 196 -17.65 -47.92 10.38
N SER C 197 -17.17 -47.82 9.14
CA SER C 197 -15.82 -47.32 8.87
C SER C 197 -15.85 -45.81 8.66
N TYR C 198 -14.91 -45.12 9.29
CA TYR C 198 -14.70 -43.69 9.10
C TYR C 198 -13.22 -43.46 8.84
N THR C 199 -12.89 -42.94 7.65
CA THR C 199 -11.51 -42.75 7.25
C THR C 199 -11.26 -41.28 6.91
N CYS C 200 -9.99 -40.89 7.00
CA CYS C 200 -9.54 -39.53 6.70
C CYS C 200 -8.36 -39.62 5.75
N GLU C 201 -8.58 -39.27 4.49
CA GLU C 201 -7.54 -39.33 3.48
C GLU C 201 -6.98 -37.93 3.21
N ALA C 202 -5.86 -37.90 2.49
CA ALA C 202 -5.18 -36.66 2.15
C ALA C 202 -4.64 -36.76 0.73
N THR C 203 -3.93 -35.72 0.30
CA THR C 203 -3.33 -35.70 -1.03
C THR C 203 -2.17 -34.70 -0.99
N HIS C 204 -0.95 -35.21 -0.85
CA HIS C 204 0.24 -34.38 -0.74
C HIS C 204 1.25 -34.75 -1.82
N LYS C 205 2.23 -33.87 -2.01
CA LYS C 205 3.25 -34.08 -3.03
C LYS C 205 4.28 -35.14 -2.62
N THR C 206 4.45 -35.36 -1.31
CA THR C 206 5.50 -36.26 -0.84
C THR C 206 5.23 -37.70 -1.28
N SER C 207 4.01 -38.18 -1.10
CA SER C 207 3.66 -39.56 -1.41
C SER C 207 2.63 -39.58 -2.53
N THR C 208 2.84 -40.48 -3.50
CA THR C 208 1.85 -40.67 -4.56
C THR C 208 0.59 -41.32 -4.03
N SER C 209 0.71 -42.19 -3.03
CA SER C 209 -0.45 -42.83 -2.42
C SER C 209 -0.90 -42.02 -1.21
N PRO C 210 -2.20 -41.78 -1.04
CA PRO C 210 -2.66 -40.97 0.10
C PRO C 210 -2.41 -41.66 1.42
N ILE C 211 -2.35 -40.84 2.47
CA ILE C 211 -2.22 -41.34 3.84
C ILE C 211 -3.62 -41.59 4.38
N VAL C 212 -3.93 -42.84 4.68
CA VAL C 212 -5.27 -43.27 5.07
C VAL C 212 -5.23 -43.79 6.49
N LYS C 213 -6.02 -43.18 7.38
CA LYS C 213 -6.20 -43.62 8.75
C LYS C 213 -7.69 -43.79 9.01
N SER C 214 -8.11 -45.00 9.37
CA SER C 214 -9.51 -45.31 9.59
C SER C 214 -9.67 -46.03 10.92
N PHE C 215 -10.94 -46.19 11.32
CA PHE C 215 -11.28 -46.89 12.55
C PHE C 215 -12.73 -47.35 12.47
N ASN C 216 -13.01 -48.46 13.14
CA ASN C 216 -14.36 -49.02 13.19
C ASN C 216 -15.05 -48.59 14.47
N ARG C 217 -16.32 -48.23 14.36
CA ARG C 217 -17.11 -47.79 15.50
C ARG C 217 -17.33 -48.93 16.49
C1 NAG D . 4.45 38.77 -19.17
C2 NAG D . 4.47 40.25 -19.55
C3 NAG D . 5.62 40.53 -20.52
C4 NAG D . 6.94 40.04 -19.94
C5 NAG D . 6.82 38.57 -19.55
C6 NAG D . 8.06 38.04 -18.86
C7 NAG D . 2.37 41.51 -19.54
C8 NAG D . 1.11 41.81 -20.28
N2 NAG D . 3.20 40.65 -20.13
O3 NAG D . 5.69 41.93 -20.76
O4 NAG D . 7.98 40.19 -20.90
O5 NAG D . 5.73 38.40 -18.63
O6 NAG D . 7.83 36.76 -18.28
O7 NAG D . 2.63 42.05 -18.46
#